data_5O94
# 
_entry.id   5O94 
# 
_audit_conform.dict_name       mmcif_pdbx.dic 
_audit_conform.dict_version    5.383 
_audit_conform.dict_location   http://mmcif.pdb.org/dictionaries/ascii/mmcif_pdbx.dic 
# 
loop_
_database_2.database_id 
_database_2.database_code 
_database_2.pdbx_database_accession 
_database_2.pdbx_DOI 
PDB   5O94         pdb_00005o94 10.2210/pdb5o94/pdb 
WWPDB D_1200005210 ?            ?                   
# 
loop_
_pdbx_audit_revision_history.ordinal 
_pdbx_audit_revision_history.data_content_type 
_pdbx_audit_revision_history.major_revision 
_pdbx_audit_revision_history.minor_revision 
_pdbx_audit_revision_history.revision_date 
1 'Structure model' 1 0 2018-04-04 
2 'Structure model' 1 1 2018-04-11 
3 'Structure model' 1 2 2024-01-17 
# 
_pdbx_audit_revision_details.ordinal             1 
_pdbx_audit_revision_details.revision_ordinal    1 
_pdbx_audit_revision_details.data_content_type   'Structure model' 
_pdbx_audit_revision_details.provider            repository 
_pdbx_audit_revision_details.type                'Initial release' 
_pdbx_audit_revision_details.description         ? 
_pdbx_audit_revision_details.details             ? 
# 
loop_
_pdbx_audit_revision_group.ordinal 
_pdbx_audit_revision_group.revision_ordinal 
_pdbx_audit_revision_group.data_content_type 
_pdbx_audit_revision_group.group 
1 2 'Structure model' 'Data collection'        
2 2 'Structure model' 'Database references'    
3 2 'Structure model' 'Derived calculations'   
4 2 'Structure model' 'Structure summary'      
5 3 'Structure model' 'Data collection'        
6 3 'Structure model' 'Database references'    
7 3 'Structure model' 'Derived calculations'   
8 3 'Structure model' 'Refinement description' 
9 3 'Structure model' 'Structure summary'      
# 
loop_
_pdbx_audit_revision_category.ordinal 
_pdbx_audit_revision_category.revision_ordinal 
_pdbx_audit_revision_category.data_content_type 
_pdbx_audit_revision_category.category 
1  2 'Structure model' chem_comp                     
2  2 'Structure model' citation                      
3  2 'Structure model' entity                        
4  2 'Structure model' pdbx_entity_nonpoly           
5  3 'Structure model' chem_comp                     
6  3 'Structure model' chem_comp_atom                
7  3 'Structure model' chem_comp_bond                
8  3 'Structure model' database_2                    
9  3 'Structure model' entity                        
10 3 'Structure model' pdbx_entity_nonpoly           
11 3 'Structure model' pdbx_initial_refinement_model 
12 3 'Structure model' struct_conn                   
# 
loop_
_pdbx_audit_revision_item.ordinal 
_pdbx_audit_revision_item.revision_ordinal 
_pdbx_audit_revision_item.data_content_type 
_pdbx_audit_revision_item.item 
1  2 'Structure model' '_chem_comp.name'                     
2  2 'Structure model' '_citation.journal_volume'            
3  2 'Structure model' '_citation.page_first'                
4  2 'Structure model' '_citation.page_last'                 
5  2 'Structure model' '_entity.pdbx_description'            
6  2 'Structure model' '_pdbx_entity_nonpoly.name'           
7  3 'Structure model' '_chem_comp.name'                     
8  3 'Structure model' '_database_2.pdbx_DOI'                
9  3 'Structure model' '_database_2.pdbx_database_accession' 
10 3 'Structure model' '_entity.pdbx_description'            
11 3 'Structure model' '_pdbx_entity_nonpoly.name'           
12 3 'Structure model' '_struct_conn.pdbx_dist_value'        
13 3 'Structure model' '_struct_conn.ptnr1_auth_comp_id'     
14 3 'Structure model' '_struct_conn.ptnr1_auth_seq_id'      
15 3 'Structure model' '_struct_conn.ptnr1_label_asym_id'    
16 3 'Structure model' '_struct_conn.ptnr1_label_atom_id'    
17 3 'Structure model' '_struct_conn.ptnr1_label_comp_id'    
18 3 'Structure model' '_struct_conn.ptnr1_label_seq_id'     
19 3 'Structure model' '_struct_conn.ptnr2_auth_comp_id'     
20 3 'Structure model' '_struct_conn.ptnr2_auth_seq_id'      
21 3 'Structure model' '_struct_conn.ptnr2_label_asym_id'    
22 3 'Structure model' '_struct_conn.ptnr2_label_atom_id'    
23 3 'Structure model' '_struct_conn.ptnr2_label_comp_id'    
24 3 'Structure model' '_struct_conn.ptnr2_symmetry'         
# 
_pdbx_database_status.status_code                     REL 
_pdbx_database_status.status_code_sf                  REL 
_pdbx_database_status.status_code_mr                  ? 
_pdbx_database_status.entry_id                        5O94 
_pdbx_database_status.recvd_initial_deposition_date   2017-06-15 
_pdbx_database_status.SG_entry                        N 
_pdbx_database_status.deposit_site                    PDBE 
_pdbx_database_status.process_site                    PDBE 
_pdbx_database_status.status_code_cs                  ? 
_pdbx_database_status.methods_development_category    ? 
_pdbx_database_status.pdb_format_compatible           Y 
_pdbx_database_status.status_code_nmr_data            ? 
# 
loop_
_audit_author.name 
_audit_author.pdbx_ordinal 
_audit_author.identifier_ORCID 
'Rothlisberger, U.' 1 ?                   
'Bozkurt, E.'       2 0000-0001-8492-1162 
'Hovius, R.'        3 0000-0001-9258-6587 
'Perez, M.A.S.'     4 ?                   
'Browning, N.J.'    5 ?                   
# 
_citation.abstract                  ? 
_citation.abstract_id_CAS           ? 
_citation.book_id_ISBN              ? 
_citation.book_publisher            ? 
_citation.book_publisher_city       ? 
_citation.book_title                ? 
_citation.coordinate_linkage        ? 
_citation.country                   US 
_citation.database_id_Medline       ? 
_citation.details                   ? 
_citation.id                        primary 
_citation.journal_abbrev            'J. Am. Chem. Soc.' 
_citation.journal_id_ASTM           JACSAT 
_citation.journal_id_CSD            ? 
_citation.journal_id_ISSN           1520-5126 
_citation.journal_full              ? 
_citation.journal_issue             ? 
_citation.journal_volume            140 
_citation.language                  ? 
_citation.page_first                4517 
_citation.page_last                 4521 
_citation.title                     
'Genetic Algorithm Based Design and Experimental Characterization of a Highly Thermostable Metalloprotein.' 
_citation.year                      2018 
_citation.database_id_CSD           ? 
_citation.pdbx_database_id_DOI      10.1021/jacs.7b10660 
_citation.pdbx_database_id_PubMed   29336153 
_citation.unpublished_flag          ? 
# 
loop_
_citation_author.citation_id 
_citation_author.name 
_citation_author.ordinal 
_citation_author.identifier_ORCID 
primary 'Bozkurt, E.'       1 ? 
primary 'Perez, M.A.S.'     2 ? 
primary 'Hovius, R.'        3 ? 
primary 'Browning, N.J.'    4 ? 
primary 'Rothlisberger, U.' 5 ? 
# 
loop_
_entity.id 
_entity.type 
_entity.src_method 
_entity.pdbx_description 
_entity.formula_weight 
_entity.pdbx_number_of_molecules 
_entity.pdbx_ec 
_entity.pdbx_mutation 
_entity.pdbx_fragment 
_entity.details 
1 polymer     man 'Metal binding GB1'             6373.049 1  ? ? ? ? 
2 non-polymer syn 'ZINC ION'                      65.409   1  ? ? ? ? 
3 non-polymer syn '(4S)-2-METHYL-2,4-PENTANEDIOL' 118.174  1  ? ? ? ? 
4 non-polymer syn 'SODIUM ION'                    22.990   1  ? ? ? ? 
5 non-polymer syn 'SULFATE ION'                   96.063   3  ? ? ? ? 
6 non-polymer syn 1,2-ETHANEDIOL                  62.068   3  ? ? ? ? 
7 non-polymer syn GLYCEROL                        92.094   2  ? ? ? ? 
8 water       nat water                           18.015   33 ? ? ? ? 
# 
_entity_poly.entity_id                      1 
_entity_poly.type                           'polypeptide(L)' 
_entity_poly.nstd_linkage                   no 
_entity_poly.nstd_monomer                   no 
_entity_poly.pdbx_seq_one_letter_code       MQFKLILNGKTLKGVITIEAVDHAEAEKFFKQYANDNGVDGEWTYDEATHTFTVTE 
_entity_poly.pdbx_seq_one_letter_code_can   MQFKLILNGKTLKGVITIEAVDHAEAEKFFKQYANDNGVDGEWTYDEATHTFTVTE 
_entity_poly.pdbx_strand_id                 A 
_entity_poly.pdbx_target_identifier         ? 
# 
loop_
_pdbx_entity_nonpoly.entity_id 
_pdbx_entity_nonpoly.name 
_pdbx_entity_nonpoly.comp_id 
2 'ZINC ION'                      ZN  
3 '(4S)-2-METHYL-2,4-PENTANEDIOL' MPD 
4 'SODIUM ION'                    NA  
5 'SULFATE ION'                   SO4 
6 1,2-ETHANEDIOL                  EDO 
7 GLYCEROL                        GOL 
8 water                           HOH 
# 
loop_
_entity_poly_seq.entity_id 
_entity_poly_seq.num 
_entity_poly_seq.mon_id 
_entity_poly_seq.hetero 
1 1  MET n 
1 2  GLN n 
1 3  PHE n 
1 4  LYS n 
1 5  LEU n 
1 6  ILE n 
1 7  LEU n 
1 8  ASN n 
1 9  GLY n 
1 10 LYS n 
1 11 THR n 
1 12 LEU n 
1 13 LYS n 
1 14 GLY n 
1 15 VAL n 
1 16 ILE n 
1 17 THR n 
1 18 ILE n 
1 19 GLU n 
1 20 ALA n 
1 21 VAL n 
1 22 ASP n 
1 23 HIS n 
1 24 ALA n 
1 25 GLU n 
1 26 ALA n 
1 27 GLU n 
1 28 LYS n 
1 29 PHE n 
1 30 PHE n 
1 31 LYS n 
1 32 GLN n 
1 33 TYR n 
1 34 ALA n 
1 35 ASN n 
1 36 ASP n 
1 37 ASN n 
1 38 GLY n 
1 39 VAL n 
1 40 ASP n 
1 41 GLY n 
1 42 GLU n 
1 43 TRP n 
1 44 THR n 
1 45 TYR n 
1 46 ASP n 
1 47 GLU n 
1 48 ALA n 
1 49 THR n 
1 50 HIS n 
1 51 THR n 
1 52 PHE n 
1 53 THR n 
1 54 VAL n 
1 55 THR n 
1 56 GLU n 
# 
_entity_src_gen.entity_id                          1 
_entity_src_gen.pdbx_src_id                        1 
_entity_src_gen.pdbx_alt_source_flag               sample 
_entity_src_gen.pdbx_seq_type                      'Biological sequence' 
_entity_src_gen.pdbx_beg_seq_num                   1 
_entity_src_gen.pdbx_end_seq_num                   56 
_entity_src_gen.gene_src_common_name               ? 
_entity_src_gen.gene_src_genus                     ? 
_entity_src_gen.pdbx_gene_src_gene                 ? 
_entity_src_gen.gene_src_species                   ? 
_entity_src_gen.gene_src_strain                    ? 
_entity_src_gen.gene_src_tissue                    ? 
_entity_src_gen.gene_src_tissue_fraction           ? 
_entity_src_gen.gene_src_details                   ? 
_entity_src_gen.pdbx_gene_src_fragment             ? 
_entity_src_gen.pdbx_gene_src_scientific_name      'Streptococcus sp.' 
_entity_src_gen.pdbx_gene_src_ncbi_taxonomy_id     1306 
_entity_src_gen.pdbx_gene_src_variant              ? 
_entity_src_gen.pdbx_gene_src_cell_line            ? 
_entity_src_gen.pdbx_gene_src_atcc                 ? 
_entity_src_gen.pdbx_gene_src_organ                ? 
_entity_src_gen.pdbx_gene_src_organelle            ? 
_entity_src_gen.pdbx_gene_src_cell                 ? 
_entity_src_gen.pdbx_gene_src_cellular_location    ? 
_entity_src_gen.host_org_common_name               ? 
_entity_src_gen.pdbx_host_org_scientific_name      'Escherichia coli BL21(DE3)' 
_entity_src_gen.pdbx_host_org_ncbi_taxonomy_id     469008 
_entity_src_gen.host_org_genus                     ? 
_entity_src_gen.pdbx_host_org_gene                 ? 
_entity_src_gen.pdbx_host_org_organ                ? 
_entity_src_gen.host_org_species                   ? 
_entity_src_gen.pdbx_host_org_tissue               ? 
_entity_src_gen.pdbx_host_org_tissue_fraction      ? 
_entity_src_gen.pdbx_host_org_strain               ? 
_entity_src_gen.pdbx_host_org_variant              ? 
_entity_src_gen.pdbx_host_org_cell_line            ? 
_entity_src_gen.pdbx_host_org_atcc                 ? 
_entity_src_gen.pdbx_host_org_culture_collection   ? 
_entity_src_gen.pdbx_host_org_cell                 ? 
_entity_src_gen.pdbx_host_org_organelle            ? 
_entity_src_gen.pdbx_host_org_cellular_location    ? 
_entity_src_gen.pdbx_host_org_vector_type          ? 
_entity_src_gen.pdbx_host_org_vector               ? 
_entity_src_gen.host_org_details                   ? 
_entity_src_gen.expression_system_id               ? 
_entity_src_gen.plasmid_name                       ? 
_entity_src_gen.plasmid_details                    ? 
_entity_src_gen.pdbx_description                   ? 
# 
loop_
_chem_comp.id 
_chem_comp.type 
_chem_comp.mon_nstd_flag 
_chem_comp.name 
_chem_comp.pdbx_synonyms 
_chem_comp.formula 
_chem_comp.formula_weight 
ALA 'L-peptide linking' y ALANINE                         ?                               'C3 H7 N O2'     89.093  
ASN 'L-peptide linking' y ASPARAGINE                      ?                               'C4 H8 N2 O3'    132.118 
ASP 'L-peptide linking' y 'ASPARTIC ACID'                 ?                               'C4 H7 N O4'     133.103 
EDO non-polymer         . 1,2-ETHANEDIOL                  'ETHYLENE GLYCOL'               'C2 H6 O2'       62.068  
GLN 'L-peptide linking' y GLUTAMINE                       ?                               'C5 H10 N2 O3'   146.144 
GLU 'L-peptide linking' y 'GLUTAMIC ACID'                 ?                               'C5 H9 N O4'     147.129 
GLY 'peptide linking'   y GLYCINE                         ?                               'C2 H5 N O2'     75.067  
GOL non-polymer         . GLYCEROL                        'GLYCERIN; PROPANE-1,2,3-TRIOL' 'C3 H8 O3'       92.094  
HIS 'L-peptide linking' y HISTIDINE                       ?                               'C6 H10 N3 O2 1' 156.162 
HOH non-polymer         . WATER                           ?                               'H2 O'           18.015  
ILE 'L-peptide linking' y ISOLEUCINE                      ?                               'C6 H13 N O2'    131.173 
LEU 'L-peptide linking' y LEUCINE                         ?                               'C6 H13 N O2'    131.173 
LYS 'L-peptide linking' y LYSINE                          ?                               'C6 H15 N2 O2 1' 147.195 
MET 'L-peptide linking' y METHIONINE                      ?                               'C5 H11 N O2 S'  149.211 
MPD non-polymer         . '(4S)-2-METHYL-2,4-PENTANEDIOL' ?                               'C6 H14 O2'      118.174 
NA  non-polymer         . 'SODIUM ION'                    ?                               'Na 1'           22.990  
PHE 'L-peptide linking' y PHENYLALANINE                   ?                               'C9 H11 N O2'    165.189 
SO4 non-polymer         . 'SULFATE ION'                   ?                               'O4 S -2'        96.063  
THR 'L-peptide linking' y THREONINE                       ?                               'C4 H9 N O3'     119.119 
TRP 'L-peptide linking' y TRYPTOPHAN                      ?                               'C11 H12 N2 O2'  204.225 
TYR 'L-peptide linking' y TYROSINE                        ?                               'C9 H11 N O3'    181.189 
VAL 'L-peptide linking' y VALINE                          ?                               'C5 H11 N O2'    117.146 
ZN  non-polymer         . 'ZINC ION'                      ?                               'Zn 2'           65.409  
# 
loop_
_pdbx_poly_seq_scheme.asym_id 
_pdbx_poly_seq_scheme.entity_id 
_pdbx_poly_seq_scheme.seq_id 
_pdbx_poly_seq_scheme.mon_id 
_pdbx_poly_seq_scheme.ndb_seq_num 
_pdbx_poly_seq_scheme.pdb_seq_num 
_pdbx_poly_seq_scheme.auth_seq_num 
_pdbx_poly_seq_scheme.pdb_mon_id 
_pdbx_poly_seq_scheme.auth_mon_id 
_pdbx_poly_seq_scheme.pdb_strand_id 
_pdbx_poly_seq_scheme.pdb_ins_code 
_pdbx_poly_seq_scheme.hetero 
A 1 1  MET 1  6  6  MET MET A . n 
A 1 2  GLN 2  7  7  GLN GLN A . n 
A 1 3  PHE 3  8  8  PHE PHE A . n 
A 1 4  LYS 4  9  9  LYS LYS A . n 
A 1 5  LEU 5  10 10 LEU LEU A . n 
A 1 6  ILE 6  11 11 ILE ILE A . n 
A 1 7  LEU 7  12 12 LEU LEU A . n 
A 1 8  ASN 8  13 13 ASN ASN A . n 
A 1 9  GLY 9  14 14 GLY GLY A . n 
A 1 10 LYS 10 15 15 LYS LYS A . n 
A 1 11 THR 11 16 16 THR THR A . n 
A 1 12 LEU 12 17 17 LEU LEU A . n 
A 1 13 LYS 13 18 18 LYS LYS A . n 
A 1 14 GLY 14 19 19 GLY GLY A . n 
A 1 15 VAL 15 20 20 VAL VAL A . n 
A 1 16 ILE 16 21 21 ILE ILE A . n 
A 1 17 THR 17 22 22 THR THR A . n 
A 1 18 ILE 18 23 23 ILE ILE A . n 
A 1 19 GLU 19 24 24 GLU GLU A . n 
A 1 20 ALA 20 25 25 ALA ALA A . n 
A 1 21 VAL 21 26 26 VAL VAL A . n 
A 1 22 ASP 22 27 27 ASP ASP A . n 
A 1 23 HIS 23 28 28 HIS HIS A . n 
A 1 24 ALA 24 29 29 ALA ALA A . n 
A 1 25 GLU 25 30 30 GLU GLU A . n 
A 1 26 ALA 26 31 31 ALA ALA A . n 
A 1 27 GLU 27 32 32 GLU GLU A . n 
A 1 28 LYS 28 33 33 LYS LYS A . n 
A 1 29 PHE 29 34 34 PHE PHE A . n 
A 1 30 PHE 30 35 35 PHE PHE A . n 
A 1 31 LYS 31 36 36 LYS LYS A . n 
A 1 32 GLN 32 37 37 GLN GLN A . n 
A 1 33 TYR 33 38 38 TYR TYR A . n 
A 1 34 ALA 34 39 39 ALA ALA A . n 
A 1 35 ASN 35 40 40 ASN ASN A . n 
A 1 36 ASP 36 41 41 ASP ASP A . n 
A 1 37 ASN 37 42 42 ASN ASN A . n 
A 1 38 GLY 38 43 43 GLY GLY A . n 
A 1 39 VAL 39 44 44 VAL VAL A . n 
A 1 40 ASP 40 45 45 ASP ASP A . n 
A 1 41 GLY 41 46 46 GLY GLY A . n 
A 1 42 GLU 42 47 47 GLU GLU A . n 
A 1 43 TRP 43 48 48 TRP TRP A . n 
A 1 44 THR 44 49 49 THR THR A . n 
A 1 45 TYR 45 50 50 TYR TYR A . n 
A 1 46 ASP 46 51 51 ASP ASP A . n 
A 1 47 GLU 47 52 52 GLU GLU A . n 
A 1 48 ALA 48 53 53 ALA ALA A . n 
A 1 49 THR 49 54 54 THR THR A . n 
A 1 50 HIS 50 55 55 HIS HIS A . n 
A 1 51 THR 51 56 56 THR THR A . n 
A 1 52 PHE 52 57 57 PHE PHE A . n 
A 1 53 THR 53 58 58 THR THR A . n 
A 1 54 VAL 54 59 59 VAL VAL A . n 
A 1 55 THR 55 60 60 THR THR A . n 
A 1 56 GLU 56 61 61 GLU GLU A . n 
# 
loop_
_pdbx_nonpoly_scheme.asym_id 
_pdbx_nonpoly_scheme.entity_id 
_pdbx_nonpoly_scheme.mon_id 
_pdbx_nonpoly_scheme.ndb_seq_num 
_pdbx_nonpoly_scheme.pdb_seq_num 
_pdbx_nonpoly_scheme.auth_seq_num 
_pdbx_nonpoly_scheme.pdb_mon_id 
_pdbx_nonpoly_scheme.auth_mon_id 
_pdbx_nonpoly_scheme.pdb_strand_id 
_pdbx_nonpoly_scheme.pdb_ins_code 
B 2 ZN  1  101 1  ZN  ZN  A . 
C 3 MPD 1  102 4  MPD MPD A . 
D 4 NA  1  103 2  NA  NA  A . 
E 5 SO4 1  104 1  SO4 SO4 A . 
F 5 SO4 1  105 5  SO4 SO4 A . 
G 5 SO4 1  106 6  SO4 SO4 A . 
H 6 EDO 1  107 1  EDO EDO A . 
I 6 EDO 1  108 2  EDO EDO A . 
J 6 EDO 1  109 3  EDO EDO A . 
K 7 GOL 1  110 1  GOL GOL A . 
L 7 GOL 1  111 2  GOL GOL A . 
M 8 HOH 1  201 36 HOH HOH A . 
M 8 HOH 2  202 20 HOH HOH A . 
M 8 HOH 3  203 10 HOH HOH A . 
M 8 HOH 4  204 21 HOH HOH A . 
M 8 HOH 5  205 18 HOH HOH A . 
M 8 HOH 6  206 5  HOH HOH A . 
M 8 HOH 7  207 34 HOH HOH A . 
M 8 HOH 8  208 1  HOH HOH A . 
M 8 HOH 9  209 31 HOH HOH A . 
M 8 HOH 10 210 3  HOH HOH A . 
M 8 HOH 11 211 2  HOH HOH A . 
M 8 HOH 12 212 8  HOH HOH A . 
M 8 HOH 13 213 8  HOH HOH A . 
M 8 HOH 14 214 28 HOH HOH A . 
M 8 HOH 15 215 26 HOH HOH A . 
M 8 HOH 16 216 32 HOH HOH A . 
M 8 HOH 17 217 9  HOH HOH A . 
M 8 HOH 18 218 33 HOH HOH A . 
M 8 HOH 19 219 13 HOH HOH A . 
M 8 HOH 20 220 7  HOH HOH A . 
M 8 HOH 21 221 11 HOH HOH A . 
M 8 HOH 22 222 6  HOH HOH A . 
M 8 HOH 23 223 14 HOH HOH A . 
M 8 HOH 24 224 16 HOH HOH A . 
M 8 HOH 25 225 19 HOH HOH A . 
M 8 HOH 26 226 13 HOH HOH A . 
M 8 HOH 27 227 10 HOH HOH A . 
M 8 HOH 28 228 15 HOH HOH A . 
M 8 HOH 29 229 17 HOH HOH A . 
M 8 HOH 30 230 38 HOH HOH A . 
M 8 HOH 31 231 12 HOH HOH A . 
M 8 HOH 32 232 37 HOH HOH A . 
M 8 HOH 33 233 35 HOH HOH A . 
# 
loop_
_software.citation_id 
_software.classification 
_software.compiler_name 
_software.compiler_version 
_software.contact_author 
_software.contact_author_email 
_software.date 
_software.description 
_software.dependencies 
_software.hardware 
_software.language 
_software.location 
_software.mods 
_software.name 
_software.os 
_software.os_version 
_software.type 
_software.version 
_software.pdbx_ordinal 
? refinement       ? ? ? ? ? ? ? ? ? ? ? REFMAC ? ? ? 5.8.0158 1 
? 'data reduction' ? ? ? ? ? ? ? ? ? ? ? XDS    ? ? ? .        2 
? 'data scaling'   ? ? ? ? ? ? ? ? ? ? ? XDS    ? ? ? .        3 
? phasing          ? ? ? ? ? ? ? ? ? ? ? PHASER ? ? ? .        4 
# 
_cell.angle_alpha                  90.00 
_cell.angle_alpha_esd              ? 
_cell.angle_beta                   90.00 
_cell.angle_beta_esd               ? 
_cell.angle_gamma                  120.00 
_cell.angle_gamma_esd              ? 
_cell.entry_id                     5O94 
_cell.details                      ? 
_cell.formula_units_Z              ? 
_cell.length_a                     54.178 
_cell.length_a_esd                 ? 
_cell.length_b                     54.178 
_cell.length_b_esd                 ? 
_cell.length_c                     81.077 
_cell.length_c_esd                 ? 
_cell.volume                       ? 
_cell.volume_esd                   ? 
_cell.Z_PDB                        6 
_cell.reciprocal_angle_alpha       ? 
_cell.reciprocal_angle_beta        ? 
_cell.reciprocal_angle_gamma       ? 
_cell.reciprocal_angle_alpha_esd   ? 
_cell.reciprocal_angle_beta_esd    ? 
_cell.reciprocal_angle_gamma_esd   ? 
_cell.reciprocal_length_a          ? 
_cell.reciprocal_length_b          ? 
_cell.reciprocal_length_c          ? 
_cell.reciprocal_length_a_esd      ? 
_cell.reciprocal_length_b_esd      ? 
_cell.reciprocal_length_c_esd      ? 
_cell.pdbx_unique_axis             ? 
# 
_symmetry.entry_id                         5O94 
_symmetry.cell_setting                     ? 
_symmetry.Int_Tables_number                154 
_symmetry.space_group_name_Hall            ? 
_symmetry.space_group_name_H-M             'P 32 2 1' 
_symmetry.pdbx_full_space_group_name_H-M   ? 
# 
_exptl.absorpt_coefficient_mu     ? 
_exptl.absorpt_correction_T_max   ? 
_exptl.absorpt_correction_T_min   ? 
_exptl.absorpt_correction_type    ? 
_exptl.absorpt_process_details    ? 
_exptl.entry_id                   5O94 
_exptl.crystals_number            1 
_exptl.details                    ? 
_exptl.method                     'X-RAY DIFFRACTION' 
_exptl.method_details             ? 
# 
_exptl_crystal.colour                      ? 
_exptl_crystal.density_diffrn              ? 
_exptl_crystal.density_Matthews            ? 
_exptl_crystal.density_method              ? 
_exptl_crystal.density_percent_sol         ? 
_exptl_crystal.description                 ? 
_exptl_crystal.F_000                       ? 
_exptl_crystal.id                          1 
_exptl_crystal.preparation                 ? 
_exptl_crystal.size_max                    ? 
_exptl_crystal.size_mid                    ? 
_exptl_crystal.size_min                    ? 
_exptl_crystal.size_rad                    ? 
_exptl_crystal.colour_lustre               ? 
_exptl_crystal.colour_modifier             ? 
_exptl_crystal.colour_primary              ? 
_exptl_crystal.density_meas                ? 
_exptl_crystal.density_meas_esd            ? 
_exptl_crystal.density_meas_gt             ? 
_exptl_crystal.density_meas_lt             ? 
_exptl_crystal.density_meas_temp           ? 
_exptl_crystal.density_meas_temp_esd       ? 
_exptl_crystal.density_meas_temp_gt        ? 
_exptl_crystal.density_meas_temp_lt        ? 
_exptl_crystal.pdbx_crystal_image_url      ? 
_exptl_crystal.pdbx_crystal_image_format   ? 
_exptl_crystal.pdbx_mosaicity              ? 
_exptl_crystal.pdbx_mosaicity_esd          ? 
# 
_exptl_crystal_grow.apparatus       ? 
_exptl_crystal_grow.atmosphere      ? 
_exptl_crystal_grow.crystal_id      1 
_exptl_crystal_grow.details         ? 
_exptl_crystal_grow.method          'VAPOR DIFFUSION, HANGING DROP' 
_exptl_crystal_grow.method_ref      ? 
_exptl_crystal_grow.pH              4.5 
_exptl_crystal_grow.pressure        ? 
_exptl_crystal_grow.pressure_esd    ? 
_exptl_crystal_grow.seeding         ? 
_exptl_crystal_grow.seeding_ref     ? 
_exptl_crystal_grow.temp            291 
_exptl_crystal_grow.temp_details    ? 
_exptl_crystal_grow.temp_esd        ? 
_exptl_crystal_grow.time            ? 
_exptl_crystal_grow.pdbx_details    '70% MPD, 200 mM ZnSO4, 50 mM NaCI, pH 4.5' 
_exptl_crystal_grow.pdbx_pH_range   ? 
# 
_diffrn.ambient_environment    ? 
_diffrn.ambient_temp           100 
_diffrn.ambient_temp_details   ? 
_diffrn.ambient_temp_esd       ? 
_diffrn.crystal_id             1 
_diffrn.crystal_support        ? 
_diffrn.crystal_treatment      ? 
_diffrn.details                ? 
_diffrn.id                     1 
_diffrn.ambient_pressure       ? 
_diffrn.ambient_pressure_esd   ? 
_diffrn.ambient_pressure_gt    ? 
_diffrn.ambient_pressure_lt    ? 
_diffrn.ambient_temp_gt        ? 
_diffrn.ambient_temp_lt        ? 
# 
_diffrn_detector.details                      ? 
_diffrn_detector.detector                     PIXEL 
_diffrn_detector.diffrn_id                    1 
_diffrn_detector.type                         'DECTRIS PILATUS 2M-F' 
_diffrn_detector.area_resol_mean              ? 
_diffrn_detector.dtime                        ? 
_diffrn_detector.pdbx_frames_total            ? 
_diffrn_detector.pdbx_collection_time_total   ? 
_diffrn_detector.pdbx_collection_date         2016-11-18 
# 
_diffrn_radiation.collimation                      ? 
_diffrn_radiation.diffrn_id                        1 
_diffrn_radiation.filter_edge                      ? 
_diffrn_radiation.inhomogeneity                    ? 
_diffrn_radiation.monochromator                    ? 
_diffrn_radiation.polarisn_norm                    ? 
_diffrn_radiation.polarisn_ratio                   ? 
_diffrn_radiation.probe                            ? 
_diffrn_radiation.type                             ? 
_diffrn_radiation.xray_symbol                      ? 
_diffrn_radiation.wavelength_id                    1 
_diffrn_radiation.pdbx_monochromatic_or_laue_m_l   M 
_diffrn_radiation.pdbx_wavelength_list             ? 
_diffrn_radiation.pdbx_wavelength                  ? 
_diffrn_radiation.pdbx_diffrn_protocol             'SINGLE WAVELENGTH' 
_diffrn_radiation.pdbx_analyzer                    ? 
_diffrn_radiation.pdbx_scattering_type             x-ray 
# 
_diffrn_radiation_wavelength.id           1 
_diffrn_radiation_wavelength.wavelength   1 
_diffrn_radiation_wavelength.wt           1.0 
# 
_diffrn_source.current                     ? 
_diffrn_source.details                     ? 
_diffrn_source.diffrn_id                   1 
_diffrn_source.power                       ? 
_diffrn_source.size                        ? 
_diffrn_source.source                      SYNCHROTRON 
_diffrn_source.target                      ? 
_diffrn_source.type                        'SLS BEAMLINE X06DA' 
_diffrn_source.voltage                     ? 
_diffrn_source.take-off_angle              ? 
_diffrn_source.pdbx_wavelength_list        1 
_diffrn_source.pdbx_wavelength             ? 
_diffrn_source.pdbx_synchrotron_beamline   X06DA 
_diffrn_source.pdbx_synchrotron_site       SLS 
# 
_reflns.B_iso_Wilson_estimate            ? 
_reflns.entry_id                         5O94 
_reflns.data_reduction_details           ? 
_reflns.data_reduction_method            ? 
_reflns.d_resolution_high                1.9 
_reflns.d_resolution_low                 46.92 
_reflns.details                          ? 
_reflns.limit_h_max                      ? 
_reflns.limit_h_min                      ? 
_reflns.limit_k_max                      ? 
_reflns.limit_k_min                      ? 
_reflns.limit_l_max                      ? 
_reflns.limit_l_min                      ? 
_reflns.number_all                       120455 
_reflns.number_obs                       11371 
_reflns.observed_criterion               ? 
_reflns.observed_criterion_F_max         ? 
_reflns.observed_criterion_F_min         ? 
_reflns.observed_criterion_I_max         ? 
_reflns.observed_criterion_I_min         ? 
_reflns.observed_criterion_sigma_F       ? 
_reflns.observed_criterion_sigma_I       ? 
_reflns.percent_possible_obs             99.9 
_reflns.R_free_details                   ? 
_reflns.Rmerge_F_all                     ? 
_reflns.Rmerge_F_obs                     ? 
_reflns.Friedel_coverage                 ? 
_reflns.number_gt                        ? 
_reflns.threshold_expression             ? 
_reflns.pdbx_redundancy                  10.6 
_reflns.pdbx_Rmerge_I_obs                ? 
_reflns.pdbx_Rmerge_I_all                ? 
_reflns.pdbx_Rsym_value                  ? 
_reflns.pdbx_netI_over_av_sigmaI         ? 
_reflns.pdbx_netI_over_sigmaI            17.2 
_reflns.pdbx_res_netI_over_av_sigmaI_2   ? 
_reflns.pdbx_res_netI_over_sigmaI_2      ? 
_reflns.pdbx_chi_squared                 ? 
_reflns.pdbx_scaling_rejects             ? 
_reflns.pdbx_d_res_high_opt              ? 
_reflns.pdbx_d_res_low_opt               ? 
_reflns.pdbx_d_res_opt_method            ? 
_reflns.phase_calculation_details        ? 
_reflns.pdbx_Rrim_I_all                  0.086 
_reflns.pdbx_Rpim_I_all                  ? 
_reflns.pdbx_d_opt                       ? 
_reflns.pdbx_number_measured_all         ? 
_reflns.pdbx_diffrn_id                   1 
_reflns.pdbx_ordinal                     1 
_reflns.pdbx_CC_half                     ? 
_reflns.pdbx_R_split                     ? 
# 
_reflns_shell.d_res_high                  1.90 
_reflns_shell.d_res_low                   2.00 
_reflns_shell.meanI_over_sigI_all         ? 
_reflns_shell.meanI_over_sigI_obs         2.6 
_reflns_shell.number_measured_all         ? 
_reflns_shell.number_measured_obs         17061 
_reflns_shell.number_possible             ? 
_reflns_shell.number_unique_all           1631 
_reflns_shell.number_unique_obs           ? 
_reflns_shell.percent_possible_all        92.8 
_reflns_shell.percent_possible_obs        ? 
_reflns_shell.Rmerge_F_all                ? 
_reflns_shell.Rmerge_F_obs                ? 
_reflns_shell.Rmerge_I_all                ? 
_reflns_shell.Rmerge_I_obs                ? 
_reflns_shell.meanI_over_sigI_gt          ? 
_reflns_shell.meanI_over_uI_all           ? 
_reflns_shell.meanI_over_uI_gt            ? 
_reflns_shell.number_measured_gt          ? 
_reflns_shell.number_unique_gt            ? 
_reflns_shell.percent_possible_gt         ? 
_reflns_shell.Rmerge_F_gt                 ? 
_reflns_shell.Rmerge_I_gt                 ? 
_reflns_shell.pdbx_redundancy             10.5 
_reflns_shell.pdbx_Rsym_value             ? 
_reflns_shell.pdbx_chi_squared            ? 
_reflns_shell.pdbx_netI_over_sigmaI_all   ? 
_reflns_shell.pdbx_netI_over_sigmaI_obs   ? 
_reflns_shell.pdbx_Rrim_I_all             0.838 
_reflns_shell.pdbx_Rpim_I_all             ? 
_reflns_shell.pdbx_rejects                ? 
_reflns_shell.pdbx_ordinal                1 
_reflns_shell.pdbx_diffrn_id              1 
_reflns_shell.pdbx_CC_half                ? 
_reflns_shell.pdbx_R_split                ? 
# 
_refine.aniso_B[1][1]                            1.82 
_refine.aniso_B[1][2]                            0.91 
_refine.aniso_B[1][3]                            0.00 
_refine.aniso_B[2][2]                            1.82 
_refine.aniso_B[2][3]                            0.00 
_refine.aniso_B[3][3]                            -5.91 
_refine.B_iso_max                                ? 
_refine.B_iso_mean                               49.620 
_refine.B_iso_min                                ? 
_refine.correlation_coeff_Fo_to_Fc               0.960 
_refine.correlation_coeff_Fo_to_Fc_free          0.947 
_refine.details                                  'HYDROGENS HAVE BEEN ADDED IN THE RIDING POSITIONS' 
_refine.diff_density_max                         ? 
_refine.diff_density_max_esd                     ? 
_refine.diff_density_min                         ? 
_refine.diff_density_min_esd                     ? 
_refine.diff_density_rms                         ? 
_refine.diff_density_rms_esd                     ? 
_refine.entry_id                                 5O94 
_refine.pdbx_refine_id                           'X-RAY DIFFRACTION' 
_refine.ls_abs_structure_details                 ? 
_refine.ls_abs_structure_Flack                   ? 
_refine.ls_abs_structure_Flack_esd               ? 
_refine.ls_abs_structure_Rogers                  ? 
_refine.ls_abs_structure_Rogers_esd              ? 
_refine.ls_d_res_high                            1.90 
_refine.ls_d_res_low                             46.92 
_refine.ls_extinction_coef                       ? 
_refine.ls_extinction_coef_esd                   ? 
_refine.ls_extinction_expression                 ? 
_refine.ls_extinction_method                     ? 
_refine.ls_goodness_of_fit_all                   ? 
_refine.ls_goodness_of_fit_all_esd               ? 
_refine.ls_goodness_of_fit_obs                   ? 
_refine.ls_goodness_of_fit_obs_esd               ? 
_refine.ls_hydrogen_treatment                    ? 
_refine.ls_matrix_type                           ? 
_refine.ls_number_constraints                    ? 
_refine.ls_number_parameters                     ? 
_refine.ls_number_reflns_all                     ? 
_refine.ls_number_reflns_obs                     10822 
_refine.ls_number_reflns_R_free                  521 
_refine.ls_number_reflns_R_work                  ? 
_refine.ls_number_restraints                     ? 
_refine.ls_percent_reflns_obs                    99.92 
_refine.ls_percent_reflns_R_free                 4.6 
_refine.ls_R_factor_all                          ? 
_refine.ls_R_factor_obs                          0.20779 
_refine.ls_R_factor_R_free                       0.23392 
_refine.ls_R_factor_R_free_error                 ? 
_refine.ls_R_factor_R_free_error_details         ? 
_refine.ls_R_factor_R_work                       0.20650 
_refine.ls_R_Fsqd_factor_obs                     ? 
_refine.ls_R_I_factor_obs                        ? 
_refine.ls_redundancy_reflns_all                 ? 
_refine.ls_redundancy_reflns_obs                 ? 
_refine.ls_restrained_S_all                      ? 
_refine.ls_restrained_S_obs                      ? 
_refine.ls_shift_over_esd_max                    ? 
_refine.ls_shift_over_esd_mean                   ? 
_refine.ls_structure_factor_coef                 ? 
_refine.ls_weighting_details                     ? 
_refine.ls_weighting_scheme                      ? 
_refine.ls_wR_factor_all                         ? 
_refine.ls_wR_factor_obs                         ? 
_refine.ls_wR_factor_R_free                      ? 
_refine.ls_wR_factor_R_work                      ? 
_refine.occupancy_max                            ? 
_refine.occupancy_min                            ? 
_refine.solvent_model_details                    ? 
_refine.solvent_model_param_bsol                 ? 
_refine.solvent_model_param_ksol                 ? 
_refine.ls_R_factor_gt                           ? 
_refine.ls_goodness_of_fit_gt                    ? 
_refine.ls_goodness_of_fit_ref                   ? 
_refine.ls_shift_over_su_max                     ? 
_refine.ls_shift_over_su_max_lt                  ? 
_refine.ls_shift_over_su_mean                    ? 
_refine.ls_shift_over_su_mean_lt                 ? 
_refine.pdbx_ls_sigma_I                          ? 
_refine.pdbx_ls_sigma_F                          ? 
_refine.pdbx_ls_sigma_Fsqd                       ? 
_refine.pdbx_data_cutoff_high_absF               ? 
_refine.pdbx_data_cutoff_high_rms_absF           ? 
_refine.pdbx_data_cutoff_low_absF                ? 
_refine.pdbx_isotropic_thermal_model             ? 
_refine.pdbx_ls_cross_valid_method               THROUGHOUT 
_refine.pdbx_method_to_determine_struct          'MOLECULAR REPLACEMENT' 
_refine.pdbx_starting_model                      1IGD 
_refine.pdbx_stereochemistry_target_values       ? 
_refine.pdbx_R_Free_selection_details            RANDOM 
_refine.pdbx_stereochem_target_val_spec_case     ? 
_refine.pdbx_overall_ESU_R                       0.099 
_refine.pdbx_overall_ESU_R_Free                  0.100 
_refine.pdbx_solvent_vdw_probe_radii             1.20 
_refine.pdbx_solvent_ion_probe_radii             1.00 
_refine.pdbx_solvent_shrinkage_radii             1.00 
_refine.pdbx_real_space_R                        ? 
_refine.pdbx_density_correlation                 ? 
_refine.pdbx_pd_number_of_powder_patterns        ? 
_refine.pdbx_pd_number_of_points                 ? 
_refine.pdbx_pd_meas_number_of_points            ? 
_refine.pdbx_pd_proc_ls_prof_R_factor            ? 
_refine.pdbx_pd_proc_ls_prof_wR_factor           ? 
_refine.pdbx_pd_Marquardt_correlation_coeff      ? 
_refine.pdbx_pd_Fsqrd_R_factor                   ? 
_refine.pdbx_pd_ls_matrix_band_width             ? 
_refine.pdbx_overall_phase_error                 ? 
_refine.pdbx_overall_SU_R_free_Cruickshank_DPI   ? 
_refine.pdbx_overall_SU_R_free_Blow_DPI          ? 
_refine.pdbx_overall_SU_R_Blow_DPI               ? 
_refine.pdbx_TLS_residual_ADP_flag               ? 
_refine.pdbx_diffrn_id                           1 
_refine.overall_SU_B                             3.552 
_refine.overall_SU_ML                            0.094 
_refine.overall_SU_R_Cruickshank_DPI             ? 
_refine.overall_SU_R_free                        ? 
_refine.overall_FOM_free_R_set                   ? 
_refine.overall_FOM_work_R_set                   ? 
_refine.pdbx_average_fsc_overall                 ? 
_refine.pdbx_average_fsc_work                    ? 
_refine.pdbx_average_fsc_free                    ? 
# 
_refine_hist.pdbx_refine_id                   'X-RAY DIFFRACTION' 
_refine_hist.cycle_id                         1 
_refine_hist.pdbx_number_atoms_protein        450 
_refine_hist.pdbx_number_atoms_nucleic_acid   0 
_refine_hist.pdbx_number_atoms_ligand         49 
_refine_hist.number_atoms_solvent             33 
_refine_hist.number_atoms_total               532 
_refine_hist.d_res_high                       1.90 
_refine_hist.d_res_low                        46.92 
# 
loop_
_refine_ls_restr.pdbx_refine_id 
_refine_ls_restr.criterion 
_refine_ls_restr.dev_ideal 
_refine_ls_restr.dev_ideal_target 
_refine_ls_restr.number 
_refine_ls_restr.rejects 
_refine_ls_restr.type 
_refine_ls_restr.weight 
_refine_ls_restr.pdbx_restraint_function 
'X-RAY DIFFRACTION' ? 0.016  0.020  497  ? r_bond_refined_d             ? ? 
'X-RAY DIFFRACTION' ? 0.002  0.020  447  ? r_bond_other_d               ? ? 
'X-RAY DIFFRACTION' ? 1.161  1.990  665  ? r_angle_refined_deg          ? ? 
'X-RAY DIFFRACTION' ? 0.729  3.000  1035 ? r_angle_other_deg            ? ? 
'X-RAY DIFFRACTION' ? 7.476  5.000  55   ? r_dihedral_angle_1_deg       ? ? 
'X-RAY DIFFRACTION' ? 42.619 26.250 24   ? r_dihedral_angle_2_deg       ? ? 
'X-RAY DIFFRACTION' ? 13.294 15.000 78   ? r_dihedral_angle_3_deg       ? ? 
'X-RAY DIFFRACTION' ? ?      ?      ?    ? r_dihedral_angle_4_deg       ? ? 
'X-RAY DIFFRACTION' ? 0.090  0.200  76   ? r_chiral_restr               ? ? 
'X-RAY DIFFRACTION' ? 0.009  0.020  515  ? r_gen_planes_refined         ? ? 
'X-RAY DIFFRACTION' ? 0.002  0.020  93   ? r_gen_planes_other           ? ? 
'X-RAY DIFFRACTION' ? ?      ?      ?    ? r_nbd_refined                ? ? 
'X-RAY DIFFRACTION' ? ?      ?      ?    ? r_nbd_other                  ? ? 
'X-RAY DIFFRACTION' ? ?      ?      ?    ? r_nbtor_refined              ? ? 
'X-RAY DIFFRACTION' ? ?      ?      ?    ? r_nbtor_other                ? ? 
'X-RAY DIFFRACTION' ? ?      ?      ?    ? r_xyhbond_nbd_refined        ? ? 
'X-RAY DIFFRACTION' ? ?      ?      ?    ? r_xyhbond_nbd_other          ? ? 
'X-RAY DIFFRACTION' ? ?      ?      ?    ? r_metal_ion_refined          ? ? 
'X-RAY DIFFRACTION' ? ?      ?      ?    ? r_metal_ion_other            ? ? 
'X-RAY DIFFRACTION' ? ?      ?      ?    ? r_symmetry_vdw_refined       ? ? 
'X-RAY DIFFRACTION' ? ?      ?      ?    ? r_symmetry_vdw_other         ? ? 
'X-RAY DIFFRACTION' ? ?      ?      ?    ? r_symmetry_hbond_refined     ? ? 
'X-RAY DIFFRACTION' ? ?      ?      ?    ? r_symmetry_hbond_other       ? ? 
'X-RAY DIFFRACTION' ? ?      ?      ?    ? r_symmetry_metal_ion_refined ? ? 
'X-RAY DIFFRACTION' ? ?      ?      ?    ? r_symmetry_metal_ion_other   ? ? 
'X-RAY DIFFRACTION' ? 2.816  4.413  223  ? r_mcbond_it                  ? ? 
'X-RAY DIFFRACTION' ? 2.797  4.418  222  ? r_mcbond_other               ? ? 
'X-RAY DIFFRACTION' ? 3.894  6.603  277  ? r_mcangle_it                 ? ? 
'X-RAY DIFFRACTION' ? 3.892  6.599  278  ? r_mcangle_other              ? ? 
'X-RAY DIFFRACTION' ? 3.636  5.436  273  ? r_scbond_it                  ? ? 
'X-RAY DIFFRACTION' ? 3.628  5.436  273  ? r_scbond_other               ? ? 
'X-RAY DIFFRACTION' ? ?      ?      ?    ? r_scangle_it                 ? ? 
'X-RAY DIFFRACTION' ? 5.793  7.897  389  ? r_scangle_other              ? ? 
'X-RAY DIFFRACTION' ? 8.816  55.393 538  ? r_long_range_B_refined       ? ? 
'X-RAY DIFFRACTION' ? 8.816  55.516 539  ? r_long_range_B_other         ? ? 
'X-RAY DIFFRACTION' ? ?      ?      ?    ? r_rigid_bond_restr           ? ? 
'X-RAY DIFFRACTION' ? ?      ?      ?    ? r_sphericity_free            ? ? 
'X-RAY DIFFRACTION' ? ?      ?      ?    ? r_sphericity_bonded          ? ? 
# 
_refine_ls_shell.pdbx_refine_id                   'X-RAY DIFFRACTION' 
_refine_ls_shell.d_res_high                       1.899 
_refine_ls_shell.d_res_low                        1.948 
_refine_ls_shell.number_reflns_all                ? 
_refine_ls_shell.number_reflns_obs                ? 
_refine_ls_shell.number_reflns_R_free             34 
_refine_ls_shell.number_reflns_R_work             795 
_refine_ls_shell.percent_reflns_obs               99.04 
_refine_ls_shell.percent_reflns_R_free            ? 
_refine_ls_shell.R_factor_all                     ? 
_refine_ls_shell.R_factor_obs                     ? 
_refine_ls_shell.R_factor_R_free                  0.412 
_refine_ls_shell.R_factor_R_free_error            ? 
_refine_ls_shell.R_factor_R_work                  0.376 
_refine_ls_shell.redundancy_reflns_all            ? 
_refine_ls_shell.redundancy_reflns_obs            ? 
_refine_ls_shell.wR_factor_all                    ? 
_refine_ls_shell.wR_factor_obs                    ? 
_refine_ls_shell.wR_factor_R_free                 ? 
_refine_ls_shell.wR_factor_R_work                 ? 
_refine_ls_shell.pdbx_total_number_of_bins_used   20 
_refine_ls_shell.pdbx_phase_error                 ? 
_refine_ls_shell.pdbx_fsc_work                    ? 
_refine_ls_shell.pdbx_fsc_free                    ? 
# 
_struct.entry_id                     5O94 
_struct.title                        'X-ray structure of a zinc binding GB1 mutant' 
_struct.pdbx_model_details           ? 
_struct.pdbx_formula_weight          ? 
_struct.pdbx_formula_weight_method   ? 
_struct.pdbx_model_type_details      ? 
_struct.pdbx_CASP_flag               N 
# 
_struct_keywords.entry_id        5O94 
_struct_keywords.text            'IMMUNOGLOBULIN BINDI, METAL BINDING PROTEIN' 
_struct_keywords.pdbx_keywords   'METAL BINDING PROTEIN' 
# 
loop_
_struct_asym.id 
_struct_asym.pdbx_blank_PDB_chainid_flag 
_struct_asym.pdbx_modified 
_struct_asym.entity_id 
_struct_asym.details 
A N N 1 ? 
B N N 2 ? 
C N N 3 ? 
D N N 4 ? 
E N N 5 ? 
F N N 5 ? 
G N N 5 ? 
H N N 6 ? 
I N N 6 ? 
J N N 6 ? 
K N N 7 ? 
L N N 7 ? 
M N N 8 ? 
# 
_struct_ref.id                         1 
_struct_ref.db_name                    PDB 
_struct_ref.db_code                    5O94 
_struct_ref.pdbx_db_accession          5O94 
_struct_ref.pdbx_db_isoform            ? 
_struct_ref.entity_id                  1 
_struct_ref.pdbx_seq_one_letter_code   ? 
_struct_ref.pdbx_align_begin           1 
# 
_struct_ref_seq.align_id                      1 
_struct_ref_seq.ref_id                        1 
_struct_ref_seq.pdbx_PDB_id_code              5O94 
_struct_ref_seq.pdbx_strand_id                A 
_struct_ref_seq.seq_align_beg                 1 
_struct_ref_seq.pdbx_seq_align_beg_ins_code   ? 
_struct_ref_seq.seq_align_end                 56 
_struct_ref_seq.pdbx_seq_align_end_ins_code   ? 
_struct_ref_seq.pdbx_db_accession             5O94 
_struct_ref_seq.db_align_beg                  6 
_struct_ref_seq.pdbx_db_align_beg_ins_code    ? 
_struct_ref_seq.db_align_end                  61 
_struct_ref_seq.pdbx_db_align_end_ins_code    ? 
_struct_ref_seq.pdbx_auth_seq_align_beg       6 
_struct_ref_seq.pdbx_auth_seq_align_end       61 
# 
_pdbx_struct_assembly.id                   1 
_pdbx_struct_assembly.details              author_and_software_defined_assembly 
_pdbx_struct_assembly.method_details       PISA 
_pdbx_struct_assembly.oligomeric_details   monomeric 
_pdbx_struct_assembly.oligomeric_count     1 
# 
loop_
_pdbx_struct_assembly_prop.biol_id 
_pdbx_struct_assembly_prop.type 
_pdbx_struct_assembly_prop.value 
_pdbx_struct_assembly_prop.details 
1 'ABSA (A^2)' 1850 ? 
1 MORE         -70  ? 
1 'SSA (A^2)'  4050 ? 
# 
_pdbx_struct_assembly_gen.assembly_id       1 
_pdbx_struct_assembly_gen.oper_expression   1 
_pdbx_struct_assembly_gen.asym_id_list      A,B,C,D,E,F,G,H,I,J,K,L,M 
# 
_pdbx_struct_assembly_auth_evidence.id                     1 
_pdbx_struct_assembly_auth_evidence.assembly_id            1 
_pdbx_struct_assembly_auth_evidence.experimental_support   none 
_pdbx_struct_assembly_auth_evidence.details                ? 
# 
_pdbx_struct_oper_list.id                   1 
_pdbx_struct_oper_list.type                 'identity operation' 
_pdbx_struct_oper_list.name                 1_555 
_pdbx_struct_oper_list.symmetry_operation   x,y,z 
_pdbx_struct_oper_list.matrix[1][1]         1.0000000000 
_pdbx_struct_oper_list.matrix[1][2]         0.0000000000 
_pdbx_struct_oper_list.matrix[1][3]         0.0000000000 
_pdbx_struct_oper_list.vector[1]            0.0000000000 
_pdbx_struct_oper_list.matrix[2][1]         0.0000000000 
_pdbx_struct_oper_list.matrix[2][2]         1.0000000000 
_pdbx_struct_oper_list.matrix[2][3]         0.0000000000 
_pdbx_struct_oper_list.vector[2]            0.0000000000 
_pdbx_struct_oper_list.matrix[3][1]         0.0000000000 
_pdbx_struct_oper_list.matrix[3][2]         0.0000000000 
_pdbx_struct_oper_list.matrix[3][3]         1.0000000000 
_pdbx_struct_oper_list.vector[3]            0.0000000000 
# 
_struct_conf.conf_type_id            HELX_P 
_struct_conf.id                      HELX_P1 
_struct_conf.pdbx_PDB_helix_id       AA1 
_struct_conf.beg_label_comp_id       ASP 
_struct_conf.beg_label_asym_id       A 
_struct_conf.beg_label_seq_id        22 
_struct_conf.pdbx_beg_PDB_ins_code   ? 
_struct_conf.end_label_comp_id       GLY 
_struct_conf.end_label_asym_id       A 
_struct_conf.end_label_seq_id        38 
_struct_conf.pdbx_end_PDB_ins_code   ? 
_struct_conf.beg_auth_comp_id        ASP 
_struct_conf.beg_auth_asym_id        A 
_struct_conf.beg_auth_seq_id         27 
_struct_conf.end_auth_comp_id        GLY 
_struct_conf.end_auth_asym_id        A 
_struct_conf.end_auth_seq_id         43 
_struct_conf.pdbx_PDB_helix_class    1 
_struct_conf.details                 ? 
_struct_conf.pdbx_PDB_helix_length   17 
# 
_struct_conf_type.id          HELX_P 
_struct_conf_type.criteria    ? 
_struct_conf_type.reference   ? 
# 
loop_
_struct_conn.id 
_struct_conn.conn_type_id 
_struct_conn.pdbx_leaving_atom_flag 
_struct_conn.pdbx_PDB_id 
_struct_conn.ptnr1_label_asym_id 
_struct_conn.ptnr1_label_comp_id 
_struct_conn.ptnr1_label_seq_id 
_struct_conn.ptnr1_label_atom_id 
_struct_conn.pdbx_ptnr1_label_alt_id 
_struct_conn.pdbx_ptnr1_PDB_ins_code 
_struct_conn.pdbx_ptnr1_standard_comp_id 
_struct_conn.ptnr1_symmetry 
_struct_conn.ptnr2_label_asym_id 
_struct_conn.ptnr2_label_comp_id 
_struct_conn.ptnr2_label_seq_id 
_struct_conn.ptnr2_label_atom_id 
_struct_conn.pdbx_ptnr2_label_alt_id 
_struct_conn.pdbx_ptnr2_PDB_ins_code 
_struct_conn.ptnr1_auth_asym_id 
_struct_conn.ptnr1_auth_comp_id 
_struct_conn.ptnr1_auth_seq_id 
_struct_conn.ptnr2_auth_asym_id 
_struct_conn.ptnr2_auth_comp_id 
_struct_conn.ptnr2_auth_seq_id 
_struct_conn.ptnr2_symmetry 
_struct_conn.pdbx_ptnr3_label_atom_id 
_struct_conn.pdbx_ptnr3_label_seq_id 
_struct_conn.pdbx_ptnr3_label_comp_id 
_struct_conn.pdbx_ptnr3_label_asym_id 
_struct_conn.pdbx_ptnr3_label_alt_id 
_struct_conn.pdbx_ptnr3_PDB_ins_code 
_struct_conn.details 
_struct_conn.pdbx_dist_value 
_struct_conn.pdbx_value_order 
_struct_conn.pdbx_role 
metalc1 metalc ? ? A HIS 23 NE2 ? ? ? 1_555 B ZN  . ZN ? ? A HIS 28  A ZN  101 1_555 ? ? ? ? ? ? ? 1.944 ? ? 
metalc2 metalc ? ? A GLU 47 OE2 ? ? ? 1_555 B ZN  . ZN ? ? A GLU 52  A ZN  101 1_555 ? ? ? ? ? ? ? 1.989 ? ? 
metalc3 metalc ? ? A HIS 50 NE2 ? ? ? 1_555 B ZN  . ZN ? ? A HIS 55  A ZN  101 1_555 ? ? ? ? ? ? ? 2.086 ? ? 
metalc4 metalc ? ? A GLU 56 OXT ? ? ? 1_555 B ZN  . ZN ? ? A GLU 61  A ZN  101 3_455 ? ? ? ? ? ? ? 1.953 ? ? 
metalc5 metalc ? ? A GLU 56 OE1 ? ? ? 1_555 D NA  . NA ? ? A GLU 61  A NA  103 1_555 ? ? ? ? ? ? ? 3.015 ? ? 
metalc6 metalc ? ? D NA  .  NA  ? ? ? 1_555 M HOH . O  ? ? A NA  103 A HOH 207 1_555 ? ? ? ? ? ? ? 2.365 ? ? 
# 
_struct_conn_type.id          metalc 
_struct_conn_type.criteria    ? 
_struct_conn_type.reference   ? 
# 
loop_
_pdbx_struct_conn_angle.id 
_pdbx_struct_conn_angle.ptnr1_label_atom_id 
_pdbx_struct_conn_angle.ptnr1_label_alt_id 
_pdbx_struct_conn_angle.ptnr1_label_asym_id 
_pdbx_struct_conn_angle.ptnr1_label_comp_id 
_pdbx_struct_conn_angle.ptnr1_label_seq_id 
_pdbx_struct_conn_angle.ptnr1_auth_atom_id 
_pdbx_struct_conn_angle.ptnr1_auth_asym_id 
_pdbx_struct_conn_angle.ptnr1_auth_comp_id 
_pdbx_struct_conn_angle.ptnr1_auth_seq_id 
_pdbx_struct_conn_angle.ptnr1_PDB_ins_code 
_pdbx_struct_conn_angle.ptnr1_symmetry 
_pdbx_struct_conn_angle.ptnr2_label_atom_id 
_pdbx_struct_conn_angle.ptnr2_label_alt_id 
_pdbx_struct_conn_angle.ptnr2_label_asym_id 
_pdbx_struct_conn_angle.ptnr2_label_comp_id 
_pdbx_struct_conn_angle.ptnr2_label_seq_id 
_pdbx_struct_conn_angle.ptnr2_auth_atom_id 
_pdbx_struct_conn_angle.ptnr2_auth_asym_id 
_pdbx_struct_conn_angle.ptnr2_auth_comp_id 
_pdbx_struct_conn_angle.ptnr2_auth_seq_id 
_pdbx_struct_conn_angle.ptnr2_PDB_ins_code 
_pdbx_struct_conn_angle.ptnr2_symmetry 
_pdbx_struct_conn_angle.ptnr3_label_atom_id 
_pdbx_struct_conn_angle.ptnr3_label_alt_id 
_pdbx_struct_conn_angle.ptnr3_label_asym_id 
_pdbx_struct_conn_angle.ptnr3_label_comp_id 
_pdbx_struct_conn_angle.ptnr3_label_seq_id 
_pdbx_struct_conn_angle.ptnr3_auth_atom_id 
_pdbx_struct_conn_angle.ptnr3_auth_asym_id 
_pdbx_struct_conn_angle.ptnr3_auth_comp_id 
_pdbx_struct_conn_angle.ptnr3_auth_seq_id 
_pdbx_struct_conn_angle.ptnr3_PDB_ins_code 
_pdbx_struct_conn_angle.ptnr3_symmetry 
_pdbx_struct_conn_angle.value 
_pdbx_struct_conn_angle.value_esd 
1 NE2 ? A HIS 23 ? A HIS 28 ? 1_555 ZN ? B ZN . ? A ZN 101 ? 1_555 OE2 ? A GLU 47 ? A GLU 52  ? 1_555 123.0 ? 
2 NE2 ? A HIS 23 ? A HIS 28 ? 1_555 ZN ? B ZN . ? A ZN 101 ? 1_555 NE2 ? A HIS 50 ? A HIS 55  ? 1_555 108.7 ? 
3 OE2 ? A GLU 47 ? A GLU 52 ? 1_555 ZN ? B ZN . ? A ZN 101 ? 1_555 NE2 ? A HIS 50 ? A HIS 55  ? 1_555 107.4 ? 
4 NE2 ? A HIS 23 ? A HIS 28 ? 1_555 ZN ? B ZN . ? A ZN 101 ? 1_555 OXT ? A GLU 56 ? A GLU 61  ? 1_555 84.7  ? 
5 OE2 ? A GLU 47 ? A GLU 52 ? 1_555 ZN ? B ZN . ? A ZN 101 ? 1_555 OXT ? A GLU 56 ? A GLU 61  ? 1_555 76.5  ? 
6 NE2 ? A HIS 50 ? A HIS 55 ? 1_555 ZN ? B ZN . ? A ZN 101 ? 1_555 OXT ? A GLU 56 ? A GLU 61  ? 1_555 60.5  ? 
7 OE1 ? A GLU 56 ? A GLU 61 ? 1_555 NA ? D NA . ? A NA 103 ? 1_555 O   ? M HOH .  ? A HOH 207 ? 1_555 74.0  ? 
# 
_struct_sheet.id               AA1 
_struct_sheet.type             ? 
_struct_sheet.number_strands   4 
_struct_sheet.details          ? 
# 
loop_
_struct_sheet_order.sheet_id 
_struct_sheet_order.range_id_1 
_struct_sheet_order.range_id_2 
_struct_sheet_order.offset 
_struct_sheet_order.sense 
AA1 1 2 ? anti-parallel 
AA1 2 3 ? parallel      
AA1 3 4 ? anti-parallel 
# 
loop_
_struct_sheet_range.sheet_id 
_struct_sheet_range.id 
_struct_sheet_range.beg_label_comp_id 
_struct_sheet_range.beg_label_asym_id 
_struct_sheet_range.beg_label_seq_id 
_struct_sheet_range.pdbx_beg_PDB_ins_code 
_struct_sheet_range.end_label_comp_id 
_struct_sheet_range.end_label_asym_id 
_struct_sheet_range.end_label_seq_id 
_struct_sheet_range.pdbx_end_PDB_ins_code 
_struct_sheet_range.beg_auth_comp_id 
_struct_sheet_range.beg_auth_asym_id 
_struct_sheet_range.beg_auth_seq_id 
_struct_sheet_range.end_auth_comp_id 
_struct_sheet_range.end_auth_asym_id 
_struct_sheet_range.end_auth_seq_id 
AA1 1 LYS A 13 ? GLU A 19 ? LYS A 18 GLU A 24 
AA1 2 GLN A 2  ? ASN A 8  ? GLN A 7  ASN A 13 
AA1 3 THR A 51 ? THR A 55 ? THR A 56 THR A 60 
AA1 4 GLU A 42 ? ASP A 46 ? GLU A 47 ASP A 51 
# 
loop_
_pdbx_struct_sheet_hbond.sheet_id 
_pdbx_struct_sheet_hbond.range_id_1 
_pdbx_struct_sheet_hbond.range_id_2 
_pdbx_struct_sheet_hbond.range_1_label_atom_id 
_pdbx_struct_sheet_hbond.range_1_label_comp_id 
_pdbx_struct_sheet_hbond.range_1_label_asym_id 
_pdbx_struct_sheet_hbond.range_1_label_seq_id 
_pdbx_struct_sheet_hbond.range_1_PDB_ins_code 
_pdbx_struct_sheet_hbond.range_1_auth_atom_id 
_pdbx_struct_sheet_hbond.range_1_auth_comp_id 
_pdbx_struct_sheet_hbond.range_1_auth_asym_id 
_pdbx_struct_sheet_hbond.range_1_auth_seq_id 
_pdbx_struct_sheet_hbond.range_2_label_atom_id 
_pdbx_struct_sheet_hbond.range_2_label_comp_id 
_pdbx_struct_sheet_hbond.range_2_label_asym_id 
_pdbx_struct_sheet_hbond.range_2_label_seq_id 
_pdbx_struct_sheet_hbond.range_2_PDB_ins_code 
_pdbx_struct_sheet_hbond.range_2_auth_atom_id 
_pdbx_struct_sheet_hbond.range_2_auth_comp_id 
_pdbx_struct_sheet_hbond.range_2_auth_asym_id 
_pdbx_struct_sheet_hbond.range_2_auth_seq_id 
AA1 1 2 O ILE A 16 ? O ILE A 21 N LEU A 5  ? N LEU A 10 
AA1 2 3 N LYS A 4  ? N LYS A 9  O PHE A 52 ? O PHE A 57 
AA1 3 4 O THR A 51 ? O THR A 56 N ASP A 46 ? N ASP A 51 
# 
loop_
_struct_site.id 
_struct_site.pdbx_evidence_code 
_struct_site.pdbx_auth_asym_id 
_struct_site.pdbx_auth_comp_id 
_struct_site.pdbx_auth_seq_id 
_struct_site.pdbx_auth_ins_code 
_struct_site.pdbx_num_residues 
_struct_site.details 
AC1 Software A ZN  101 ? 4 'binding site for residue ZN A 101'  
AC2 Software A MPD 102 ? 4 'binding site for residue MPD A 102' 
AC3 Software A NA  103 ? 5 'binding site for residue NA A 103'  
AC4 Software A SO4 104 ? 4 'binding site for residue SO4 A 104' 
AC5 Software A SO4 105 ? 3 'binding site for residue SO4 A 105' 
AC6 Software A SO4 106 ? 2 'binding site for residue SO4 A 106' 
AC7 Software A EDO 107 ? 2 'binding site for residue EDO A 107' 
AC8 Software A EDO 108 ? 2 'binding site for residue EDO A 108' 
AC9 Software A EDO 109 ? 2 'binding site for residue EDO A 109' 
AD1 Software A GOL 110 ? 8 'binding site for residue GOL A 110' 
AD2 Software A GOL 111 ? 3 'binding site for residue GOL A 111' 
# 
loop_
_struct_site_gen.id 
_struct_site_gen.site_id 
_struct_site_gen.pdbx_num_res 
_struct_site_gen.label_comp_id 
_struct_site_gen.label_asym_id 
_struct_site_gen.label_seq_id 
_struct_site_gen.pdbx_auth_ins_code 
_struct_site_gen.auth_comp_id 
_struct_site_gen.auth_asym_id 
_struct_site_gen.auth_seq_id 
_struct_site_gen.label_atom_id 
_struct_site_gen.label_alt_id 
_struct_site_gen.symmetry 
_struct_site_gen.details 
1  AC1 4 HIS A 23 ? HIS A 28  . ? 1_555 ? 
2  AC1 4 GLU A 47 ? GLU A 52  . ? 1_555 ? 
3  AC1 4 HIS A 50 ? HIS A 55  . ? 1_555 ? 
4  AC1 4 GLU A 56 ? GLU A 61  . ? 2_564 ? 
5  AC2 4 THR A 11 ? THR A 16  . ? 5_555 ? 
6  AC2 4 GLU A 19 ? GLU A 24  . ? 1_555 ? 
7  AC2 4 PHE A 29 ? PHE A 34  . ? 1_555 ? 
8  AC2 4 HOH M .  ? HOH A 221 . ? 1_555 ? 
9  AC3 5 LYS A 10 ? LYS A 15  . ? 1_555 ? 
10 AC3 5 THR A 11 ? THR A 16  . ? 1_555 ? 
11 AC3 5 LEU A 12 ? LEU A 17  . ? 1_555 ? 
12 AC3 5 GLU A 56 ? GLU A 61  . ? 1_555 ? 
13 AC3 5 HOH M .  ? HOH A 207 . ? 1_555 ? 
14 AC4 4 GLN A 2  ? GLN A 7   . ? 1_555 ? 
15 AC4 4 THR A 49 ? THR A 54  . ? 1_555 ? 
16 AC4 4 HIS A 50 ? HIS A 55  . ? 1_555 ? 
17 AC4 4 HOH M .  ? HOH A 204 . ? 1_555 ? 
18 AC5 3 VAL A 15 ? VAL A 20  . ? 5_555 ? 
19 AC5 3 THR A 17 ? THR A 22  . ? 5_555 ? 
20 AC5 3 EDO J .  ? EDO A 109 . ? 1_555 ? 
21 AC6 2 ASP A 22 ? ASP A 27  . ? 1_555 ? 
22 AC6 2 TRP A 43 ? TRP A 48  . ? 2_564 ? 
23 AC7 2 HIS A 23 ? HIS A 28  . ? 1_555 ? 
24 AC7 2 GLU A 27 ? GLU A 32  . ? 1_555 ? 
25 AC8 2 GLU A 27 ? GLU A 32  . ? 1_555 ? 
26 AC8 2 LYS A 31 ? LYS A 36  . ? 1_555 ? 
27 AC9 2 LEU A 7  ? LEU A 12  . ? 1_555 ? 
28 AC9 2 SO4 F .  ? SO4 A 105 . ? 1_555 ? 
29 AD1 8 MET A 1  ? MET A 6   . ? 1_555 ? 
30 AD1 8 GLN A 2  ? GLN A 7   . ? 1_555 ? 
31 AD1 8 LYS A 10 ? LYS A 15  . ? 2_564 ? 
32 AD1 8 ASP A 40 ? ASP A 45  . ? 2_564 ? 
33 AD1 8 HIS A 50 ? HIS A 55  . ? 1_555 ? 
34 AD1 8 HOH M .  ? HOH A 205 . ? 1_555 ? 
35 AD1 8 HOH M .  ? HOH A 211 . ? 2_564 ? 
36 AD1 8 HOH M .  ? HOH A 213 . ? 1_555 ? 
37 AD2 3 GLU A 47 ? GLU A 52  . ? 1_555 ? 
38 AD2 3 HOH M .  ? HOH A 201 . ? 1_555 ? 
39 AD2 3 HOH M .  ? HOH A 224 . ? 1_555 ? 
# 
_pdbx_validate_symm_contact.id                1 
_pdbx_validate_symm_contact.PDB_model_num     1 
_pdbx_validate_symm_contact.auth_atom_id_1    OH 
_pdbx_validate_symm_contact.auth_asym_id_1    A 
_pdbx_validate_symm_contact.auth_comp_id_1    TYR 
_pdbx_validate_symm_contact.auth_seq_id_1     38 
_pdbx_validate_symm_contact.PDB_ins_code_1    ? 
_pdbx_validate_symm_contact.label_alt_id_1    ? 
_pdbx_validate_symm_contact.site_symmetry_1   1_555 
_pdbx_validate_symm_contact.auth_atom_id_2    OH 
_pdbx_validate_symm_contact.auth_asym_id_2    A 
_pdbx_validate_symm_contact.auth_comp_id_2    TYR 
_pdbx_validate_symm_contact.auth_seq_id_2     38 
_pdbx_validate_symm_contact.PDB_ins_code_2    ? 
_pdbx_validate_symm_contact.label_alt_id_2    ? 
_pdbx_validate_symm_contact.site_symmetry_2   5_555 
_pdbx_validate_symm_contact.dist              2.08 
# 
_pdbx_validate_torsion.id              1 
_pdbx_validate_torsion.PDB_model_num   1 
_pdbx_validate_torsion.auth_comp_id    ASN 
_pdbx_validate_torsion.auth_asym_id    A 
_pdbx_validate_torsion.auth_seq_id     13 
_pdbx_validate_torsion.PDB_ins_code    ? 
_pdbx_validate_torsion.label_alt_id    ? 
_pdbx_validate_torsion.phi             -114.28 
_pdbx_validate_torsion.psi             77.04 
# 
loop_
_chem_comp_atom.comp_id 
_chem_comp_atom.atom_id 
_chem_comp_atom.type_symbol 
_chem_comp_atom.pdbx_aromatic_flag 
_chem_comp_atom.pdbx_stereo_config 
_chem_comp_atom.pdbx_ordinal 
ALA N    N  N N 1   
ALA CA   C  N S 2   
ALA C    C  N N 3   
ALA O    O  N N 4   
ALA CB   C  N N 5   
ALA OXT  O  N N 6   
ALA H    H  N N 7   
ALA H2   H  N N 8   
ALA HA   H  N N 9   
ALA HB1  H  N N 10  
ALA HB2  H  N N 11  
ALA HB3  H  N N 12  
ALA HXT  H  N N 13  
ASN N    N  N N 14  
ASN CA   C  N S 15  
ASN C    C  N N 16  
ASN O    O  N N 17  
ASN CB   C  N N 18  
ASN CG   C  N N 19  
ASN OD1  O  N N 20  
ASN ND2  N  N N 21  
ASN OXT  O  N N 22  
ASN H    H  N N 23  
ASN H2   H  N N 24  
ASN HA   H  N N 25  
ASN HB2  H  N N 26  
ASN HB3  H  N N 27  
ASN HD21 H  N N 28  
ASN HD22 H  N N 29  
ASN HXT  H  N N 30  
ASP N    N  N N 31  
ASP CA   C  N S 32  
ASP C    C  N N 33  
ASP O    O  N N 34  
ASP CB   C  N N 35  
ASP CG   C  N N 36  
ASP OD1  O  N N 37  
ASP OD2  O  N N 38  
ASP OXT  O  N N 39  
ASP H    H  N N 40  
ASP H2   H  N N 41  
ASP HA   H  N N 42  
ASP HB2  H  N N 43  
ASP HB3  H  N N 44  
ASP HD2  H  N N 45  
ASP HXT  H  N N 46  
EDO C1   C  N N 47  
EDO O1   O  N N 48  
EDO C2   C  N N 49  
EDO O2   O  N N 50  
EDO H11  H  N N 51  
EDO H12  H  N N 52  
EDO HO1  H  N N 53  
EDO H21  H  N N 54  
EDO H22  H  N N 55  
EDO HO2  H  N N 56  
GLN N    N  N N 57  
GLN CA   C  N S 58  
GLN C    C  N N 59  
GLN O    O  N N 60  
GLN CB   C  N N 61  
GLN CG   C  N N 62  
GLN CD   C  N N 63  
GLN OE1  O  N N 64  
GLN NE2  N  N N 65  
GLN OXT  O  N N 66  
GLN H    H  N N 67  
GLN H2   H  N N 68  
GLN HA   H  N N 69  
GLN HB2  H  N N 70  
GLN HB3  H  N N 71  
GLN HG2  H  N N 72  
GLN HG3  H  N N 73  
GLN HE21 H  N N 74  
GLN HE22 H  N N 75  
GLN HXT  H  N N 76  
GLU N    N  N N 77  
GLU CA   C  N S 78  
GLU C    C  N N 79  
GLU O    O  N N 80  
GLU CB   C  N N 81  
GLU CG   C  N N 82  
GLU CD   C  N N 83  
GLU OE1  O  N N 84  
GLU OE2  O  N N 85  
GLU OXT  O  N N 86  
GLU H    H  N N 87  
GLU H2   H  N N 88  
GLU HA   H  N N 89  
GLU HB2  H  N N 90  
GLU HB3  H  N N 91  
GLU HG2  H  N N 92  
GLU HG3  H  N N 93  
GLU HE2  H  N N 94  
GLU HXT  H  N N 95  
GLY N    N  N N 96  
GLY CA   C  N N 97  
GLY C    C  N N 98  
GLY O    O  N N 99  
GLY OXT  O  N N 100 
GLY H    H  N N 101 
GLY H2   H  N N 102 
GLY HA2  H  N N 103 
GLY HA3  H  N N 104 
GLY HXT  H  N N 105 
GOL C1   C  N N 106 
GOL O1   O  N N 107 
GOL C2   C  N N 108 
GOL O2   O  N N 109 
GOL C3   C  N N 110 
GOL O3   O  N N 111 
GOL H11  H  N N 112 
GOL H12  H  N N 113 
GOL HO1  H  N N 114 
GOL H2   H  N N 115 
GOL HO2  H  N N 116 
GOL H31  H  N N 117 
GOL H32  H  N N 118 
GOL HO3  H  N N 119 
HIS N    N  N N 120 
HIS CA   C  N S 121 
HIS C    C  N N 122 
HIS O    O  N N 123 
HIS CB   C  N N 124 
HIS CG   C  Y N 125 
HIS ND1  N  Y N 126 
HIS CD2  C  Y N 127 
HIS CE1  C  Y N 128 
HIS NE2  N  Y N 129 
HIS OXT  O  N N 130 
HIS H    H  N N 131 
HIS H2   H  N N 132 
HIS HA   H  N N 133 
HIS HB2  H  N N 134 
HIS HB3  H  N N 135 
HIS HD1  H  N N 136 
HIS HD2  H  N N 137 
HIS HE1  H  N N 138 
HIS HE2  H  N N 139 
HIS HXT  H  N N 140 
HOH O    O  N N 141 
HOH H1   H  N N 142 
HOH H2   H  N N 143 
ILE N    N  N N 144 
ILE CA   C  N S 145 
ILE C    C  N N 146 
ILE O    O  N N 147 
ILE CB   C  N S 148 
ILE CG1  C  N N 149 
ILE CG2  C  N N 150 
ILE CD1  C  N N 151 
ILE OXT  O  N N 152 
ILE H    H  N N 153 
ILE H2   H  N N 154 
ILE HA   H  N N 155 
ILE HB   H  N N 156 
ILE HG12 H  N N 157 
ILE HG13 H  N N 158 
ILE HG21 H  N N 159 
ILE HG22 H  N N 160 
ILE HG23 H  N N 161 
ILE HD11 H  N N 162 
ILE HD12 H  N N 163 
ILE HD13 H  N N 164 
ILE HXT  H  N N 165 
LEU N    N  N N 166 
LEU CA   C  N S 167 
LEU C    C  N N 168 
LEU O    O  N N 169 
LEU CB   C  N N 170 
LEU CG   C  N N 171 
LEU CD1  C  N N 172 
LEU CD2  C  N N 173 
LEU OXT  O  N N 174 
LEU H    H  N N 175 
LEU H2   H  N N 176 
LEU HA   H  N N 177 
LEU HB2  H  N N 178 
LEU HB3  H  N N 179 
LEU HG   H  N N 180 
LEU HD11 H  N N 181 
LEU HD12 H  N N 182 
LEU HD13 H  N N 183 
LEU HD21 H  N N 184 
LEU HD22 H  N N 185 
LEU HD23 H  N N 186 
LEU HXT  H  N N 187 
LYS N    N  N N 188 
LYS CA   C  N S 189 
LYS C    C  N N 190 
LYS O    O  N N 191 
LYS CB   C  N N 192 
LYS CG   C  N N 193 
LYS CD   C  N N 194 
LYS CE   C  N N 195 
LYS NZ   N  N N 196 
LYS OXT  O  N N 197 
LYS H    H  N N 198 
LYS H2   H  N N 199 
LYS HA   H  N N 200 
LYS HB2  H  N N 201 
LYS HB3  H  N N 202 
LYS HG2  H  N N 203 
LYS HG3  H  N N 204 
LYS HD2  H  N N 205 
LYS HD3  H  N N 206 
LYS HE2  H  N N 207 
LYS HE3  H  N N 208 
LYS HZ1  H  N N 209 
LYS HZ2  H  N N 210 
LYS HZ3  H  N N 211 
LYS HXT  H  N N 212 
MET N    N  N N 213 
MET CA   C  N S 214 
MET C    C  N N 215 
MET O    O  N N 216 
MET CB   C  N N 217 
MET CG   C  N N 218 
MET SD   S  N N 219 
MET CE   C  N N 220 
MET OXT  O  N N 221 
MET H    H  N N 222 
MET H2   H  N N 223 
MET HA   H  N N 224 
MET HB2  H  N N 225 
MET HB3  H  N N 226 
MET HG2  H  N N 227 
MET HG3  H  N N 228 
MET HE1  H  N N 229 
MET HE2  H  N N 230 
MET HE3  H  N N 231 
MET HXT  H  N N 232 
MPD C1   C  N N 233 
MPD C2   C  N N 234 
MPD O2   O  N N 235 
MPD CM   C  N N 236 
MPD C3   C  N N 237 
MPD C4   C  N S 238 
MPD O4   O  N N 239 
MPD C5   C  N N 240 
MPD H11  H  N N 241 
MPD H12  H  N N 242 
MPD H13  H  N N 243 
MPD HO2  H  N N 244 
MPD HM1  H  N N 245 
MPD HM2  H  N N 246 
MPD HM3  H  N N 247 
MPD H31  H  N N 248 
MPD H32  H  N N 249 
MPD H4   H  N N 250 
MPD HO4  H  N N 251 
MPD H51  H  N N 252 
MPD H52  H  N N 253 
MPD H53  H  N N 254 
NA  NA   NA N N 255 
PHE N    N  N N 256 
PHE CA   C  N S 257 
PHE C    C  N N 258 
PHE O    O  N N 259 
PHE CB   C  N N 260 
PHE CG   C  Y N 261 
PHE CD1  C  Y N 262 
PHE CD2  C  Y N 263 
PHE CE1  C  Y N 264 
PHE CE2  C  Y N 265 
PHE CZ   C  Y N 266 
PHE OXT  O  N N 267 
PHE H    H  N N 268 
PHE H2   H  N N 269 
PHE HA   H  N N 270 
PHE HB2  H  N N 271 
PHE HB3  H  N N 272 
PHE HD1  H  N N 273 
PHE HD2  H  N N 274 
PHE HE1  H  N N 275 
PHE HE2  H  N N 276 
PHE HZ   H  N N 277 
PHE HXT  H  N N 278 
SO4 S    S  N N 279 
SO4 O1   O  N N 280 
SO4 O2   O  N N 281 
SO4 O3   O  N N 282 
SO4 O4   O  N N 283 
THR N    N  N N 284 
THR CA   C  N S 285 
THR C    C  N N 286 
THR O    O  N N 287 
THR CB   C  N R 288 
THR OG1  O  N N 289 
THR CG2  C  N N 290 
THR OXT  O  N N 291 
THR H    H  N N 292 
THR H2   H  N N 293 
THR HA   H  N N 294 
THR HB   H  N N 295 
THR HG1  H  N N 296 
THR HG21 H  N N 297 
THR HG22 H  N N 298 
THR HG23 H  N N 299 
THR HXT  H  N N 300 
TRP N    N  N N 301 
TRP CA   C  N S 302 
TRP C    C  N N 303 
TRP O    O  N N 304 
TRP CB   C  N N 305 
TRP CG   C  Y N 306 
TRP CD1  C  Y N 307 
TRP CD2  C  Y N 308 
TRP NE1  N  Y N 309 
TRP CE2  C  Y N 310 
TRP CE3  C  Y N 311 
TRP CZ2  C  Y N 312 
TRP CZ3  C  Y N 313 
TRP CH2  C  Y N 314 
TRP OXT  O  N N 315 
TRP H    H  N N 316 
TRP H2   H  N N 317 
TRP HA   H  N N 318 
TRP HB2  H  N N 319 
TRP HB3  H  N N 320 
TRP HD1  H  N N 321 
TRP HE1  H  N N 322 
TRP HE3  H  N N 323 
TRP HZ2  H  N N 324 
TRP HZ3  H  N N 325 
TRP HH2  H  N N 326 
TRP HXT  H  N N 327 
TYR N    N  N N 328 
TYR CA   C  N S 329 
TYR C    C  N N 330 
TYR O    O  N N 331 
TYR CB   C  N N 332 
TYR CG   C  Y N 333 
TYR CD1  C  Y N 334 
TYR CD2  C  Y N 335 
TYR CE1  C  Y N 336 
TYR CE2  C  Y N 337 
TYR CZ   C  Y N 338 
TYR OH   O  N N 339 
TYR OXT  O  N N 340 
TYR H    H  N N 341 
TYR H2   H  N N 342 
TYR HA   H  N N 343 
TYR HB2  H  N N 344 
TYR HB3  H  N N 345 
TYR HD1  H  N N 346 
TYR HD2  H  N N 347 
TYR HE1  H  N N 348 
TYR HE2  H  N N 349 
TYR HH   H  N N 350 
TYR HXT  H  N N 351 
VAL N    N  N N 352 
VAL CA   C  N S 353 
VAL C    C  N N 354 
VAL O    O  N N 355 
VAL CB   C  N N 356 
VAL CG1  C  N N 357 
VAL CG2  C  N N 358 
VAL OXT  O  N N 359 
VAL H    H  N N 360 
VAL H2   H  N N 361 
VAL HA   H  N N 362 
VAL HB   H  N N 363 
VAL HG11 H  N N 364 
VAL HG12 H  N N 365 
VAL HG13 H  N N 366 
VAL HG21 H  N N 367 
VAL HG22 H  N N 368 
VAL HG23 H  N N 369 
VAL HXT  H  N N 370 
ZN  ZN   ZN N N 371 
# 
loop_
_chem_comp_bond.comp_id 
_chem_comp_bond.atom_id_1 
_chem_comp_bond.atom_id_2 
_chem_comp_bond.value_order 
_chem_comp_bond.pdbx_aromatic_flag 
_chem_comp_bond.pdbx_stereo_config 
_chem_comp_bond.pdbx_ordinal 
ALA N   CA   sing N N 1   
ALA N   H    sing N N 2   
ALA N   H2   sing N N 3   
ALA CA  C    sing N N 4   
ALA CA  CB   sing N N 5   
ALA CA  HA   sing N N 6   
ALA C   O    doub N N 7   
ALA C   OXT  sing N N 8   
ALA CB  HB1  sing N N 9   
ALA CB  HB2  sing N N 10  
ALA CB  HB3  sing N N 11  
ALA OXT HXT  sing N N 12  
ASN N   CA   sing N N 13  
ASN N   H    sing N N 14  
ASN N   H2   sing N N 15  
ASN CA  C    sing N N 16  
ASN CA  CB   sing N N 17  
ASN CA  HA   sing N N 18  
ASN C   O    doub N N 19  
ASN C   OXT  sing N N 20  
ASN CB  CG   sing N N 21  
ASN CB  HB2  sing N N 22  
ASN CB  HB3  sing N N 23  
ASN CG  OD1  doub N N 24  
ASN CG  ND2  sing N N 25  
ASN ND2 HD21 sing N N 26  
ASN ND2 HD22 sing N N 27  
ASN OXT HXT  sing N N 28  
ASP N   CA   sing N N 29  
ASP N   H    sing N N 30  
ASP N   H2   sing N N 31  
ASP CA  C    sing N N 32  
ASP CA  CB   sing N N 33  
ASP CA  HA   sing N N 34  
ASP C   O    doub N N 35  
ASP C   OXT  sing N N 36  
ASP CB  CG   sing N N 37  
ASP CB  HB2  sing N N 38  
ASP CB  HB3  sing N N 39  
ASP CG  OD1  doub N N 40  
ASP CG  OD2  sing N N 41  
ASP OD2 HD2  sing N N 42  
ASP OXT HXT  sing N N 43  
EDO C1  O1   sing N N 44  
EDO C1  C2   sing N N 45  
EDO C1  H11  sing N N 46  
EDO C1  H12  sing N N 47  
EDO O1  HO1  sing N N 48  
EDO C2  O2   sing N N 49  
EDO C2  H21  sing N N 50  
EDO C2  H22  sing N N 51  
EDO O2  HO2  sing N N 52  
GLN N   CA   sing N N 53  
GLN N   H    sing N N 54  
GLN N   H2   sing N N 55  
GLN CA  C    sing N N 56  
GLN CA  CB   sing N N 57  
GLN CA  HA   sing N N 58  
GLN C   O    doub N N 59  
GLN C   OXT  sing N N 60  
GLN CB  CG   sing N N 61  
GLN CB  HB2  sing N N 62  
GLN CB  HB3  sing N N 63  
GLN CG  CD   sing N N 64  
GLN CG  HG2  sing N N 65  
GLN CG  HG3  sing N N 66  
GLN CD  OE1  doub N N 67  
GLN CD  NE2  sing N N 68  
GLN NE2 HE21 sing N N 69  
GLN NE2 HE22 sing N N 70  
GLN OXT HXT  sing N N 71  
GLU N   CA   sing N N 72  
GLU N   H    sing N N 73  
GLU N   H2   sing N N 74  
GLU CA  C    sing N N 75  
GLU CA  CB   sing N N 76  
GLU CA  HA   sing N N 77  
GLU C   O    doub N N 78  
GLU C   OXT  sing N N 79  
GLU CB  CG   sing N N 80  
GLU CB  HB2  sing N N 81  
GLU CB  HB3  sing N N 82  
GLU CG  CD   sing N N 83  
GLU CG  HG2  sing N N 84  
GLU CG  HG3  sing N N 85  
GLU CD  OE1  doub N N 86  
GLU CD  OE2  sing N N 87  
GLU OE2 HE2  sing N N 88  
GLU OXT HXT  sing N N 89  
GLY N   CA   sing N N 90  
GLY N   H    sing N N 91  
GLY N   H2   sing N N 92  
GLY CA  C    sing N N 93  
GLY CA  HA2  sing N N 94  
GLY CA  HA3  sing N N 95  
GLY C   O    doub N N 96  
GLY C   OXT  sing N N 97  
GLY OXT HXT  sing N N 98  
GOL C1  O1   sing N N 99  
GOL C1  C2   sing N N 100 
GOL C1  H11  sing N N 101 
GOL C1  H12  sing N N 102 
GOL O1  HO1  sing N N 103 
GOL C2  O2   sing N N 104 
GOL C2  C3   sing N N 105 
GOL C2  H2   sing N N 106 
GOL O2  HO2  sing N N 107 
GOL C3  O3   sing N N 108 
GOL C3  H31  sing N N 109 
GOL C3  H32  sing N N 110 
GOL O3  HO3  sing N N 111 
HIS N   CA   sing N N 112 
HIS N   H    sing N N 113 
HIS N   H2   sing N N 114 
HIS CA  C    sing N N 115 
HIS CA  CB   sing N N 116 
HIS CA  HA   sing N N 117 
HIS C   O    doub N N 118 
HIS C   OXT  sing N N 119 
HIS CB  CG   sing N N 120 
HIS CB  HB2  sing N N 121 
HIS CB  HB3  sing N N 122 
HIS CG  ND1  sing Y N 123 
HIS CG  CD2  doub Y N 124 
HIS ND1 CE1  doub Y N 125 
HIS ND1 HD1  sing N N 126 
HIS CD2 NE2  sing Y N 127 
HIS CD2 HD2  sing N N 128 
HIS CE1 NE2  sing Y N 129 
HIS CE1 HE1  sing N N 130 
HIS NE2 HE2  sing N N 131 
HIS OXT HXT  sing N N 132 
HOH O   H1   sing N N 133 
HOH O   H2   sing N N 134 
ILE N   CA   sing N N 135 
ILE N   H    sing N N 136 
ILE N   H2   sing N N 137 
ILE CA  C    sing N N 138 
ILE CA  CB   sing N N 139 
ILE CA  HA   sing N N 140 
ILE C   O    doub N N 141 
ILE C   OXT  sing N N 142 
ILE CB  CG1  sing N N 143 
ILE CB  CG2  sing N N 144 
ILE CB  HB   sing N N 145 
ILE CG1 CD1  sing N N 146 
ILE CG1 HG12 sing N N 147 
ILE CG1 HG13 sing N N 148 
ILE CG2 HG21 sing N N 149 
ILE CG2 HG22 sing N N 150 
ILE CG2 HG23 sing N N 151 
ILE CD1 HD11 sing N N 152 
ILE CD1 HD12 sing N N 153 
ILE CD1 HD13 sing N N 154 
ILE OXT HXT  sing N N 155 
LEU N   CA   sing N N 156 
LEU N   H    sing N N 157 
LEU N   H2   sing N N 158 
LEU CA  C    sing N N 159 
LEU CA  CB   sing N N 160 
LEU CA  HA   sing N N 161 
LEU C   O    doub N N 162 
LEU C   OXT  sing N N 163 
LEU CB  CG   sing N N 164 
LEU CB  HB2  sing N N 165 
LEU CB  HB3  sing N N 166 
LEU CG  CD1  sing N N 167 
LEU CG  CD2  sing N N 168 
LEU CG  HG   sing N N 169 
LEU CD1 HD11 sing N N 170 
LEU CD1 HD12 sing N N 171 
LEU CD1 HD13 sing N N 172 
LEU CD2 HD21 sing N N 173 
LEU CD2 HD22 sing N N 174 
LEU CD2 HD23 sing N N 175 
LEU OXT HXT  sing N N 176 
LYS N   CA   sing N N 177 
LYS N   H    sing N N 178 
LYS N   H2   sing N N 179 
LYS CA  C    sing N N 180 
LYS CA  CB   sing N N 181 
LYS CA  HA   sing N N 182 
LYS C   O    doub N N 183 
LYS C   OXT  sing N N 184 
LYS CB  CG   sing N N 185 
LYS CB  HB2  sing N N 186 
LYS CB  HB3  sing N N 187 
LYS CG  CD   sing N N 188 
LYS CG  HG2  sing N N 189 
LYS CG  HG3  sing N N 190 
LYS CD  CE   sing N N 191 
LYS CD  HD2  sing N N 192 
LYS CD  HD3  sing N N 193 
LYS CE  NZ   sing N N 194 
LYS CE  HE2  sing N N 195 
LYS CE  HE3  sing N N 196 
LYS NZ  HZ1  sing N N 197 
LYS NZ  HZ2  sing N N 198 
LYS NZ  HZ3  sing N N 199 
LYS OXT HXT  sing N N 200 
MET N   CA   sing N N 201 
MET N   H    sing N N 202 
MET N   H2   sing N N 203 
MET CA  C    sing N N 204 
MET CA  CB   sing N N 205 
MET CA  HA   sing N N 206 
MET C   O    doub N N 207 
MET C   OXT  sing N N 208 
MET CB  CG   sing N N 209 
MET CB  HB2  sing N N 210 
MET CB  HB3  sing N N 211 
MET CG  SD   sing N N 212 
MET CG  HG2  sing N N 213 
MET CG  HG3  sing N N 214 
MET SD  CE   sing N N 215 
MET CE  HE1  sing N N 216 
MET CE  HE2  sing N N 217 
MET CE  HE3  sing N N 218 
MET OXT HXT  sing N N 219 
MPD C1  C2   sing N N 220 
MPD C1  H11  sing N N 221 
MPD C1  H12  sing N N 222 
MPD C1  H13  sing N N 223 
MPD C2  O2   sing N N 224 
MPD C2  CM   sing N N 225 
MPD C2  C3   sing N N 226 
MPD O2  HO2  sing N N 227 
MPD CM  HM1  sing N N 228 
MPD CM  HM2  sing N N 229 
MPD CM  HM3  sing N N 230 
MPD C3  C4   sing N N 231 
MPD C3  H31  sing N N 232 
MPD C3  H32  sing N N 233 
MPD C4  O4   sing N N 234 
MPD C4  C5   sing N N 235 
MPD C4  H4   sing N N 236 
MPD O4  HO4  sing N N 237 
MPD C5  H51  sing N N 238 
MPD C5  H52  sing N N 239 
MPD C5  H53  sing N N 240 
PHE N   CA   sing N N 241 
PHE N   H    sing N N 242 
PHE N   H2   sing N N 243 
PHE CA  C    sing N N 244 
PHE CA  CB   sing N N 245 
PHE CA  HA   sing N N 246 
PHE C   O    doub N N 247 
PHE C   OXT  sing N N 248 
PHE CB  CG   sing N N 249 
PHE CB  HB2  sing N N 250 
PHE CB  HB3  sing N N 251 
PHE CG  CD1  doub Y N 252 
PHE CG  CD2  sing Y N 253 
PHE CD1 CE1  sing Y N 254 
PHE CD1 HD1  sing N N 255 
PHE CD2 CE2  doub Y N 256 
PHE CD2 HD2  sing N N 257 
PHE CE1 CZ   doub Y N 258 
PHE CE1 HE1  sing N N 259 
PHE CE2 CZ   sing Y N 260 
PHE CE2 HE2  sing N N 261 
PHE CZ  HZ   sing N N 262 
PHE OXT HXT  sing N N 263 
SO4 S   O1   doub N N 264 
SO4 S   O2   doub N N 265 
SO4 S   O3   sing N N 266 
SO4 S   O4   sing N N 267 
THR N   CA   sing N N 268 
THR N   H    sing N N 269 
THR N   H2   sing N N 270 
THR CA  C    sing N N 271 
THR CA  CB   sing N N 272 
THR CA  HA   sing N N 273 
THR C   O    doub N N 274 
THR C   OXT  sing N N 275 
THR CB  OG1  sing N N 276 
THR CB  CG2  sing N N 277 
THR CB  HB   sing N N 278 
THR OG1 HG1  sing N N 279 
THR CG2 HG21 sing N N 280 
THR CG2 HG22 sing N N 281 
THR CG2 HG23 sing N N 282 
THR OXT HXT  sing N N 283 
TRP N   CA   sing N N 284 
TRP N   H    sing N N 285 
TRP N   H2   sing N N 286 
TRP CA  C    sing N N 287 
TRP CA  CB   sing N N 288 
TRP CA  HA   sing N N 289 
TRP C   O    doub N N 290 
TRP C   OXT  sing N N 291 
TRP CB  CG   sing N N 292 
TRP CB  HB2  sing N N 293 
TRP CB  HB3  sing N N 294 
TRP CG  CD1  doub Y N 295 
TRP CG  CD2  sing Y N 296 
TRP CD1 NE1  sing Y N 297 
TRP CD1 HD1  sing N N 298 
TRP CD2 CE2  doub Y N 299 
TRP CD2 CE3  sing Y N 300 
TRP NE1 CE2  sing Y N 301 
TRP NE1 HE1  sing N N 302 
TRP CE2 CZ2  sing Y N 303 
TRP CE3 CZ3  doub Y N 304 
TRP CE3 HE3  sing N N 305 
TRP CZ2 CH2  doub Y N 306 
TRP CZ2 HZ2  sing N N 307 
TRP CZ3 CH2  sing Y N 308 
TRP CZ3 HZ3  sing N N 309 
TRP CH2 HH2  sing N N 310 
TRP OXT HXT  sing N N 311 
TYR N   CA   sing N N 312 
TYR N   H    sing N N 313 
TYR N   H2   sing N N 314 
TYR CA  C    sing N N 315 
TYR CA  CB   sing N N 316 
TYR CA  HA   sing N N 317 
TYR C   O    doub N N 318 
TYR C   OXT  sing N N 319 
TYR CB  CG   sing N N 320 
TYR CB  HB2  sing N N 321 
TYR CB  HB3  sing N N 322 
TYR CG  CD1  doub Y N 323 
TYR CG  CD2  sing Y N 324 
TYR CD1 CE1  sing Y N 325 
TYR CD1 HD1  sing N N 326 
TYR CD2 CE2  doub Y N 327 
TYR CD2 HD2  sing N N 328 
TYR CE1 CZ   doub Y N 329 
TYR CE1 HE1  sing N N 330 
TYR CE2 CZ   sing Y N 331 
TYR CE2 HE2  sing N N 332 
TYR CZ  OH   sing N N 333 
TYR OH  HH   sing N N 334 
TYR OXT HXT  sing N N 335 
VAL N   CA   sing N N 336 
VAL N   H    sing N N 337 
VAL N   H2   sing N N 338 
VAL CA  C    sing N N 339 
VAL CA  CB   sing N N 340 
VAL CA  HA   sing N N 341 
VAL C   O    doub N N 342 
VAL C   OXT  sing N N 343 
VAL CB  CG1  sing N N 344 
VAL CB  CG2  sing N N 345 
VAL CB  HB   sing N N 346 
VAL CG1 HG11 sing N N 347 
VAL CG1 HG12 sing N N 348 
VAL CG1 HG13 sing N N 349 
VAL CG2 HG21 sing N N 350 
VAL CG2 HG22 sing N N 351 
VAL CG2 HG23 sing N N 352 
VAL OXT HXT  sing N N 353 
# 
_pdbx_audit_support.funding_organization   'Swiss National Science Foundation' 
_pdbx_audit_support.country                Switzerland 
_pdbx_audit_support.grant_number           200020-146645 
_pdbx_audit_support.ordinal                1 
# 
_pdbx_entity_instance_feature.ordinal        1 
_pdbx_entity_instance_feature.comp_id        ZN 
_pdbx_entity_instance_feature.asym_id        ? 
_pdbx_entity_instance_feature.seq_num        ? 
_pdbx_entity_instance_feature.auth_comp_id   ZN 
_pdbx_entity_instance_feature.auth_asym_id   ? 
_pdbx_entity_instance_feature.auth_seq_num   ? 
_pdbx_entity_instance_feature.feature_type   'SUBJECT OF INVESTIGATION' 
_pdbx_entity_instance_feature.details        ? 
# 
_pdbx_initial_refinement_model.id               1 
_pdbx_initial_refinement_model.entity_id_list   ? 
_pdbx_initial_refinement_model.type             'experimental model' 
_pdbx_initial_refinement_model.source_name      PDB 
_pdbx_initial_refinement_model.accession_code   1IGD 
_pdbx_initial_refinement_model.details          ? 
# 
_atom_sites.entry_id                    5O94 
_atom_sites.fract_transf_matrix[1][1]   0.00516227 
_atom_sites.fract_transf_matrix[1][2]   -0.01464535 
_atom_sites.fract_transf_matrix[1][3]   -0.01459912 
_atom_sites.fract_transf_matrix[2][1]   -0.00269800 
_atom_sites.fract_transf_matrix[2][2]   0.00419574 
_atom_sites.fract_transf_matrix[2][3]   -0.02072102 
_atom_sites.fract_transf_matrix[3][1]   0.01143497 
_atom_sites.fract_transf_matrix[3][2]   0.00458865 
_atom_sites.fract_transf_matrix[3][3]   -0.00055976 
_atom_sites.fract_transf_vector[1]      -0.418499 
_atom_sites.fract_transf_vector[2]      0.186920 
_atom_sites.fract_transf_vector[3]      0.139167 
# 
loop_
_atom_type.symbol 
C  
N  
NA 
O  
S  
ZN 
# 
loop_
_atom_site.group_PDB 
_atom_site.id 
_atom_site.type_symbol 
_atom_site.label_atom_id 
_atom_site.label_alt_id 
_atom_site.label_comp_id 
_atom_site.label_asym_id 
_atom_site.label_entity_id 
_atom_site.label_seq_id 
_atom_site.pdbx_PDB_ins_code 
_atom_site.Cartn_x 
_atom_site.Cartn_y 
_atom_site.Cartn_z 
_atom_site.occupancy 
_atom_site.B_iso_or_equiv 
_atom_site.pdbx_formal_charge 
_atom_site.auth_seq_id 
_atom_site.auth_comp_id 
_atom_site.auth_asym_id 
_atom_site.auth_atom_id 
_atom_site.pdbx_PDB_model_num 
ATOM   1   N  N   . MET A 1 1  ? -11.868 -9.216  0.283   1.00 43.84  ? 6   MET A N   1 
ATOM   2   C  CA  . MET A 1 1  ? -10.638 -9.503  -0.515  1.00 44.55  ? 6   MET A CA  1 
ATOM   3   C  C   . MET A 1 1  ? -9.375  -9.068  0.277   1.00 43.23  ? 6   MET A C   1 
ATOM   4   O  O   . MET A 1 1  ? -9.422  -8.104  1.015   1.00 44.56  ? 6   MET A O   1 
ATOM   5   C  CB  . MET A 1 1  ? -10.711 -8.742  -1.839  1.00 39.91  ? 6   MET A CB  1 
ATOM   6   C  CG  . MET A 1 1  ? -11.675 -9.350  -2.843  1.00 41.24  ? 6   MET A CG  1 
ATOM   7   S  SD  . MET A 1 1  ? -11.761 -8.327  -4.303  1.00 41.39  ? 6   MET A SD  1 
ATOM   8   C  CE  . MET A 1 1  ? -12.491 -6.854  -3.623  1.00 44.18  ? 6   MET A CE  1 
ATOM   9   N  N   . GLN A 1 2  ? -8.257  -9.752  0.054   1.00 42.45  ? 7   GLN A N   1 
ATOM   10  C  CA  . GLN A 1 2  ? -6.974  -9.336  0.610   1.00 43.71  ? 7   GLN A CA  1 
ATOM   11  C  C   . GLN A 1 2  ? -6.197  -8.438  -0.341  1.00 39.77  ? 7   GLN A C   1 
ATOM   12  O  O   . GLN A 1 2  ? -6.167  -8.676  -1.580  1.00 37.24  ? 7   GLN A O   1 
ATOM   13  C  CB  . GLN A 1 2  ? -6.119  -10.546 0.996   1.00 48.76  ? 7   GLN A CB  1 
ATOM   14  C  CG  . GLN A 1 2  ? -6.711  -11.393 2.119   1.00 55.19  ? 7   GLN A CG  1 
ATOM   15  C  CD  . GLN A 1 2  ? -6.315  -10.890 3.512   1.00 64.40  ? 7   GLN A CD  1 
ATOM   16  O  OE1 . GLN A 1 2  ? -5.116  -10.766 3.824   1.00 70.25  ? 7   GLN A OE1 1 
ATOM   17  N  NE2 . GLN A 1 2  ? -7.330  -10.583 4.364   1.00 62.57  ? 7   GLN A NE2 1 
ATOM   18  N  N   . PHE A 1 3  ? -5.568  -7.403  0.238   1.00 35.41  ? 8   PHE A N   1 
ATOM   19  C  CA  . PHE A 1 3  ? -4.598  -6.568  -0.451  1.00 36.02  ? 8   PHE A CA  1 
ATOM   20  C  C   . PHE A 1 3  ? -3.337  -6.359  0.381   1.00 36.76  ? 8   PHE A C   1 
ATOM   21  O  O   . PHE A 1 3  ? -3.362  -6.405  1.639   1.00 34.86  ? 8   PHE A O   1 
ATOM   22  C  CB  . PHE A 1 3  ? -5.185  -5.224  -0.785  1.00 36.30  ? 8   PHE A CB  1 
ATOM   23  C  CG  . PHE A 1 3  ? -6.371  -5.282  -1.703  1.00 37.09  ? 8   PHE A CG  1 
ATOM   24  C  CD1 . PHE A 1 3  ? -7.651  -5.499  -1.193  1.00 37.44  ? 8   PHE A CD1 1 
ATOM   25  C  CD2 . PHE A 1 3  ? -6.232  -5.020  -3.062  1.00 37.77  ? 8   PHE A CD2 1 
ATOM   26  C  CE1 . PHE A 1 3  ? -8.749  -5.499  -2.030  1.00 38.03  ? 8   PHE A CE1 1 
ATOM   27  C  CE2 . PHE A 1 3  ? -7.334  -5.016  -3.903  1.00 37.69  ? 8   PHE A CE2 1 
ATOM   28  C  CZ  . PHE A 1 3  ? -8.598  -5.266  -3.385  1.00 37.72  ? 8   PHE A CZ  1 
ATOM   29  N  N   . LYS A 1 4  ? -2.243  -6.114  -0.314  1.00 34.84  ? 9   LYS A N   1 
ATOM   30  C  CA  . LYS A 1 4  ? -0.933  -5.996  0.303   1.00 35.13  ? 9   LYS A CA  1 
ATOM   31  C  C   . LYS A 1 4  ? -0.268  -4.671  -0.089  1.00 34.25  ? 9   LYS A C   1 
ATOM   32  O  O   . LYS A 1 4  ? -0.372  -4.223  -1.246  1.00 32.19  ? 9   LYS A O   1 
ATOM   33  C  CB  . LYS A 1 4  ? -0.069  -7.186  -0.093  1.00 38.65  ? 9   LYS A CB  1 
ATOM   34  C  CG  . LYS A 1 4  ? 1.318   -7.148  0.514   1.00 44.49  ? 9   LYS A CG  1 
ATOM   35  C  CD  . LYS A 1 4  ? 2.225   -8.187  -0.053  1.00 48.19  ? 9   LYS A CD  1 
ATOM   36  C  CE  . LYS A 1 4  ? 1.971   -9.546  0.516   1.00 53.23  ? 9   LYS A CE  1 
ATOM   37  N  NZ  . LYS A 1 4  ? 2.497   -10.526 -0.481  1.00 58.83  ? 9   LYS A NZ  1 
ATOM   38  N  N   . LEU A 1 5  ? 0.399   -4.043  0.873   1.00 33.48  ? 10  LEU A N   1 
ATOM   39  C  CA  . LEU A 1 5  ? 1.346   -2.976  0.617   1.00 34.05  ? 10  LEU A CA  1 
ATOM   40  C  C   . LEU A 1 5  ? 2.763   -3.346  1.056   1.00 34.24  ? 10  LEU A C   1 
ATOM   41  O  O   . LEU A 1 5  ? 3.004   -3.706  2.218   1.00 31.24  ? 10  LEU A O   1 
ATOM   42  C  CB  . LEU A 1 5  ? 0.906   -1.692  1.314   1.00 35.51  ? 10  LEU A CB  1 
ATOM   43  C  CG  . LEU A 1 5  ? 1.860   -0.502  1.228   1.00 35.77  ? 10  LEU A CG  1 
ATOM   44  C  CD1 . LEU A 1 5  ? 2.043   -0.066  -0.221  1.00 37.78  ? 10  LEU A CD1 1 
ATOM   45  C  CD2 . LEU A 1 5  ? 1.323   0.655   2.062   1.00 39.26  ? 10  LEU A CD2 1 
ATOM   46  N  N   . ILE A 1 6  ? 3.697   -3.273  0.106   1.00 32.75  ? 11  ILE A N   1 
ATOM   47  C  CA  . ILE A 1 6  ? 5.136   -3.403  0.373   1.00 33.99  ? 11  ILE A CA  1 
ATOM   48  C  C   . ILE A 1 6  ? 5.715   -2.008  0.479   1.00 33.73  ? 11  ILE A C   1 
ATOM   49  O  O   . ILE A 1 6  ? 5.569   -1.168  -0.464  1.00 32.78  ? 11  ILE A O   1 
ATOM   50  C  CB  . ILE A 1 6  ? 5.828   -4.220  -0.735  1.00 35.46  ? 11  ILE A CB  1 
ATOM   51  C  CG1 . ILE A 1 6  ? 5.277   -5.643  -0.739  1.00 37.97  ? 11  ILE A CG1 1 
ATOM   52  C  CG2 . ILE A 1 6  ? 7.342   -4.236  -0.569  1.00 36.35  ? 11  ILE A CG2 1 
ATOM   53  C  CD1 . ILE A 1 6  ? 5.546   -6.371  -2.033  1.00 39.89  ? 11  ILE A CD1 1 
ATOM   54  N  N   . LEU A 1 7  ? 6.297   -1.715  1.641   1.00 34.73  ? 12  LEU A N   1 
ATOM   55  C  CA  . LEU A 1 7  ? 6.905   -0.408  1.927   1.00 38.01  ? 12  LEU A CA  1 
ATOM   56  C  C   . LEU A 1 7  ? 8.416   -0.519  1.839   1.00 37.87  ? 12  LEU A C   1 
ATOM   57  O  O   . LEU A 1 7  ? 9.056   -1.274  2.597   1.00 35.93  ? 12  LEU A O   1 
ATOM   58  C  CB  . LEU A 1 7  ? 6.536   0.050   3.316   1.00 43.72  ? 12  LEU A CB  1 
ATOM   59  C  CG  . LEU A 1 7  ? 5.051   0.296   3.554   1.00 48.32  ? 12  LEU A CG  1 
ATOM   60  C  CD1 . LEU A 1 7  ? 4.619   -0.348  4.852   1.00 50.71  ? 12  LEU A CD1 1 
ATOM   61  C  CD2 . LEU A 1 7  ? 4.739   1.787   3.556   1.00 49.21  ? 12  LEU A CD2 1 
ATOM   62  N  N   . ASN A 1 8  ? 8.989   0.159   0.861   1.00 38.59  ? 13  ASN A N   1 
ATOM   63  C  CA  . ASN A 1 8  ? 10.435  0.134   0.670   1.00 41.74  ? 13  ASN A CA  1 
ATOM   64  C  C   . ASN A 1 8  ? 10.937  1.533   0.942   1.00 40.94  ? 13  ASN A C   1 
ATOM   65  O  O   . ASN A 1 8  ? 11.133  2.335   0.048   1.00 37.98  ? 13  ASN A O   1 
ATOM   66  C  CB  . ASN A 1 8  ? 10.812  -0.389  -0.706  1.00 44.05  ? 13  ASN A CB  1 
ATOM   67  C  CG  . ASN A 1 8  ? 12.325  -0.548  -0.878  1.00 50.90  ? 13  ASN A CG  1 
ATOM   68  O  OD1 . ASN A 1 8  ? 13.089  -0.542  0.103   1.00 54.91  ? 13  ASN A OD1 1 
ATOM   69  N  ND2 . ASN A 1 8  ? 12.768  -0.662  -2.131  1.00 52.58  ? 13  ASN A ND2 1 
ATOM   70  N  N   . GLY A 1 9  ? 11.008  1.843   2.220   1.00 38.83  ? 14  GLY A N   1 
ATOM   71  C  CA  . GLY A 1 9  ? 11.425  3.136   2.686   1.00 41.51  ? 14  GLY A CA  1 
ATOM   72  C  C   . GLY A 1 9  ? 12.934  3.198   2.866   1.00 40.99  ? 14  GLY A C   1 
ATOM   73  O  O   . GLY A 1 9  ? 13.636  2.201   2.764   1.00 45.36  ? 14  GLY A O   1 
ATOM   74  N  N   . LYS A 1 10 ? 13.431  4.391   3.085   1.00 45.35  ? 15  LYS A N   1 
ATOM   75  C  CA  . LYS A 1 10 ? 14.881  4.609   3.217   1.00 47.03  ? 15  LYS A CA  1 
ATOM   76  C  C   . LYS A 1 10 ? 15.477  3.853   4.463   1.00 48.82  ? 15  LYS A C   1 
ATOM   77  O  O   . LYS A 1 10 ? 16.482  3.134   4.342   1.00 45.95  ? 15  LYS A O   1 
ATOM   78  C  CB  . LYS A 1 10 ? 15.174  6.112   3.285   1.00 46.54  ? 15  LYS A CB  1 
ATOM   79  C  CG  . LYS A 1 10 ? 14.799  6.871   1.993   1.00 48.18  ? 15  LYS A CG  1 
ATOM   80  C  CD  . LYS A 1 10 ? 15.074  8.360   2.114   1.00 48.04  ? 15  LYS A CD  1 
ATOM   81  C  CE  . LYS A 1 10 ? 14.524  9.110   0.910   1.00 49.31  ? 15  LYS A CE  1 
ATOM   82  N  NZ  . LYS A 1 10 ? 14.824  10.567  0.964   1.00 50.83  ? 15  LYS A NZ  1 
ATOM   83  N  N   . THR A 1 11 ? 14.843  4.046   5.614   1.00 48.40  ? 16  THR A N   1 
ATOM   84  C  CA  . THR A 1 11 ? 15.186  3.332   6.870   1.00 54.47  ? 16  THR A CA  1 
ATOM   85  C  C   . THR A 1 11 ? 14.035  2.455   7.484   1.00 55.91  ? 16  THR A C   1 
ATOM   86  O  O   . THR A 1 11 ? 14.190  1.936   8.579   1.00 53.44  ? 16  THR A O   1 
ATOM   87  C  CB  . THR A 1 11 ? 15.573  4.348   7.942   1.00 54.56  ? 16  THR A CB  1 
ATOM   88  O  OG1 . THR A 1 11 ? 14.507  5.306   8.085   1.00 53.31  ? 16  THR A OG1 1 
ATOM   89  C  CG2 . THR A 1 11 ? 16.873  5.058   7.561   1.00 58.65  ? 16  THR A CG2 1 
ATOM   90  N  N   . LEU A 1 12 ? 12.898  2.357   6.785   1.00 56.05  ? 17  LEU A N   1 
ATOM   91  C  CA  . LEU A 1 12 ? 11.734  1.533   7.186   1.00 56.02  ? 17  LEU A CA  1 
ATOM   92  C  C   . LEU A 1 12 ? 11.395  0.583   6.017   1.00 58.14  ? 17  LEU A C   1 
ATOM   93  O  O   . LEU A 1 12 ? 11.167  1.047   4.887   1.00 58.04  ? 17  LEU A O   1 
ATOM   94  C  CB  . LEU A 1 12 ? 10.516  2.418   7.479   1.00 55.05  ? 17  LEU A CB  1 
ATOM   95  C  CG  . LEU A 1 12 ? 9.280   1.672   7.999   1.00 55.09  ? 17  LEU A CG  1 
ATOM   96  C  CD1 . LEU A 1 12 ? 8.457   2.555   8.898   1.00 56.42  ? 17  LEU A CD1 1 
ATOM   97  C  CD2 . LEU A 1 12 ? 8.407   1.083   6.876   1.00 57.66  ? 17  LEU A CD2 1 
ATOM   98  N  N   . LYS A 1 13 ? 11.445  -0.724  6.266   1.00 50.06  ? 18  LYS A N   1 
ATOM   99  C  CA  . LYS A 1 13 ? 10.923  -1.716  5.342   1.00 47.79  ? 18  LYS A CA  1 
ATOM   100 C  C   . LYS A 1 13 ? 9.649   -2.335  5.956   1.00 50.28  ? 18  LYS A C   1 
ATOM   101 O  O   . LYS A 1 13 ? 9.506   -2.438  7.215   1.00 45.12  ? 18  LYS A O   1 
ATOM   102 C  CB  . LYS A 1 13 ? 11.962  -2.791  5.047   1.00 54.49  ? 18  LYS A CB  1 
ATOM   103 C  CG  . LYS A 1 13 ? 13.036  -2.403  3.996   1.00 61.69  ? 18  LYS A CG  1 
ATOM   104 C  CD  . LYS A 1 13 ? 13.711  -1.070  4.319   1.00 65.73  ? 18  LYS A CD  1 
ATOM   105 C  CE  . LYS A 1 13 ? 15.055  -0.898  3.603   1.00 66.47  ? 18  LYS A CE  1 
ATOM   106 N  NZ  . LYS A 1 13 ? 14.870  -0.616  2.159   1.00 67.36  ? 18  LYS A NZ  1 
ATOM   107 N  N   . GLY A 1 14 ? 8.688   -2.692  5.107   1.00 42.57  ? 19  GLY A N   1 
ATOM   108 C  CA  . GLY A 1 14 ? 7.481   -3.285  5.633   1.00 44.04  ? 19  GLY A CA  1 
ATOM   109 C  C   . GLY A 1 14 ? 6.630   -4.020  4.657   1.00 39.57  ? 19  GLY A C   1 
ATOM   110 O  O   . GLY A 1 14 ? 6.690   -3.784  3.412   1.00 35.08  ? 19  GLY A O   1 
ATOM   111 N  N   . VAL A 1 15 ? 5.808   -4.892  5.211   1.00 36.69  ? 20  VAL A N   1 
ATOM   112 C  CA  . VAL A 1 15 ? 4.715   -5.512  4.469   1.00 38.82  ? 20  VAL A CA  1 
ATOM   113 C  C   . VAL A 1 15 ? 3.464   -5.433  5.306   1.00 38.33  ? 20  VAL A C   1 
ATOM   114 O  O   . VAL A 1 15 ? 3.452   -5.875  6.472   1.00 34.36  ? 20  VAL A O   1 
ATOM   115 C  CB  . VAL A 1 15 ? 5.013   -6.975  4.116   1.00 40.65  ? 20  VAL A CB  1 
ATOM   116 C  CG1 . VAL A 1 15 ? 3.937   -7.516  3.196   1.00 42.91  ? 20  VAL A CG1 1 
ATOM   117 C  CG2 . VAL A 1 15 ? 6.351   -7.080  3.422   1.00 46.19  ? 20  VAL A CG2 1 
ATOM   118 N  N   . ILE A 1 16 ? 2.425   -4.844  4.737   1.00 35.45  ? 21  ILE A N   1 
ATOM   119 C  CA  . ILE A 1 16 ? 1.137   -4.863  5.355   1.00 40.07  ? 21  ILE A CA  1 
ATOM   120 C  C   . ILE A 1 16 ? 0.042   -5.449  4.463   1.00 38.65  ? 21  ILE A C   1 
ATOM   121 O  O   . ILE A 1 16 ? -0.036  -5.179  3.240   1.00 34.34  ? 21  ILE A O   1 
ATOM   122 C  CB  . ILE A 1 16 ? 0.712   -3.502  5.955   1.00 43.76  ? 21  ILE A CB  1 
ATOM   123 C  CG1 . ILE A 1 16 ? 0.381   -2.508  4.917   1.00 52.11  ? 21  ILE A CG1 1 
ATOM   124 C  CG2 . ILE A 1 16 ? 1.810   -2.932  6.896   1.00 45.07  ? 21  ILE A CG2 1 
ATOM   125 C  CD1 . ILE A 1 16 ? 0.130   -1.111  5.514   1.00 59.17  ? 21  ILE A CD1 1 
ATOM   126 N  N   . THR A 1 17 ? -0.778  -6.272  5.070   1.00 35.30  ? 22  THR A N   1 
ATOM   127 C  CA  . THR A 1 17 ? -1.918  -6.855  4.384   1.00 39.45  ? 22  THR A CA  1 
ATOM   128 C  C   . THR A 1 17 ? -3.196  -6.475  5.060   1.00 41.93  ? 22  THR A C   1 
ATOM   129 O  O   . THR A 1 17 ? -3.256  -6.427  6.298   1.00 41.82  ? 22  THR A O   1 
ATOM   130 C  CB  . THR A 1 17 ? -1.802  -8.353  4.307   1.00 41.62  ? 22  THR A CB  1 
ATOM   131 O  OG1 . THR A 1 17 ? -1.806  -8.899  5.626   1.00 49.24  ? 22  THR A OG1 1 
ATOM   132 C  CG2 . THR A 1 17 ? -0.523  -8.733  3.613   1.00 42.06  ? 22  THR A CG2 1 
ATOM   133 N  N   . ILE A 1 18 ? -4.197  -6.108  4.247   1.00 39.56  ? 23  ILE A N   1 
ATOM   134 C  CA  . ILE A 1 18 ? -5.521  -5.803  4.733   1.00 38.87  ? 23  ILE A CA  1 
ATOM   135 C  C   . ILE A 1 18 ? -6.583  -6.693  4.120   1.00 41.62  ? 23  ILE A C   1 
ATOM   136 O  O   . ILE A 1 18 ? -6.412  -7.249  2.990   1.00 37.95  ? 23  ILE A O   1 
ATOM   137 C  CB  . ILE A 1 18 ? -5.925  -4.344  4.484   1.00 38.81  ? 23  ILE A CB  1 
ATOM   138 C  CG1 . ILE A 1 18 ? -5.983  -4.030  2.985   1.00 37.35  ? 23  ILE A CG1 1 
ATOM   139 C  CG2 . ILE A 1 18 ? -4.970  -3.403  5.201   1.00 40.97  ? 23  ILE A CG2 1 
ATOM   140 C  CD1 . ILE A 1 18 ? -6.427  -2.615  2.680   1.00 38.15  ? 23  ILE A CD1 1 
ATOM   141 N  N   . GLU A 1 19 ? -7.698  -6.792  4.837   1.00 42.59  ? 24  GLU A N   1 
ATOM   142 C  CA  . GLU A 1 19 ? -8.945  -7.325  4.304   1.00 45.63  ? 24  GLU A CA  1 
ATOM   143 C  C   . GLU A 1 19 ? -9.816  -6.131  3.939   1.00 45.45  ? 24  GLU A C   1 
ATOM   144 O  O   . GLU A 1 19 ? -10.008 -5.246  4.756   1.00 47.69  ? 24  GLU A O   1 
ATOM   145 C  CB  . GLU A 1 19 ? -9.620  -8.205  5.363   1.00 51.43  ? 24  GLU A CB  1 
ATOM   146 C  CG  . GLU A 1 19 ? -10.916 -8.884  4.908   1.00 59.49  ? 24  GLU A CG  1 
ATOM   147 C  CD  . GLU A 1 19 ? -10.708 -9.919  3.809   1.00 63.80  ? 24  GLU A CD  1 
ATOM   148 O  OE1 . GLU A 1 19 ? -9.684  -10.663 3.849   1.00 71.78  ? 24  GLU A OE1 1 
ATOM   149 O  OE2 . GLU A 1 19 ? -11.580 -10.008 2.914   1.00 65.31  ? 24  GLU A OE2 1 
ATOM   150 N  N   . ALA A 1 20 ? -10.266 -6.058  2.688   1.00 42.95  ? 25  ALA A N   1 
ATOM   151 C  CA  . ALA A 1 20 ? -11.112 -4.943  2.234   1.00 43.51  ? 25  ALA A CA  1 
ATOM   152 C  C   . ALA A 1 20 ? -12.269 -5.474  1.403   1.00 45.44  ? 25  ALA A C   1 
ATOM   153 O  O   . ALA A 1 20 ? -12.128 -6.468  0.650   1.00 45.42  ? 25  ALA A O   1 
ATOM   154 C  CB  . ALA A 1 20 ? -10.294 -3.930  1.427   1.00 42.45  ? 25  ALA A CB  1 
ATOM   155 N  N   . VAL A 1 21 ? -13.424 -4.838  1.556   1.00 47.99  ? 26  VAL A N   1 
ATOM   156 C  CA  . VAL A 1 21 ? -14.659 -5.327  0.925   1.00 48.23  ? 26  VAL A CA  1 
ATOM   157 C  C   . VAL A 1 21 ? -14.652 -5.040  -0.581  1.00 45.92  ? 26  VAL A C   1 
ATOM   158 O  O   . VAL A 1 21 ? -15.286 -5.746  -1.340  1.00 47.70  ? 26  VAL A O   1 
ATOM   159 C  CB  . VAL A 1 21 ? -15.948 -4.736  1.582   1.00 50.91  ? 26  VAL A CB  1 
ATOM   160 C  CG1 . VAL A 1 21 ? -15.967 -5.038  3.080   1.00 57.98  ? 26  VAL A CG1 1 
ATOM   161 C  CG2 . VAL A 1 21 ? -16.059 -3.241  1.338   1.00 52.62  ? 26  VAL A CG2 1 
ATOM   162 N  N   . ASP A 1 22 ? -13.938 -4.009  -1.000  1.00 45.43  ? 27  ASP A N   1 
ATOM   163 C  CA  . ASP A 1 22 ? -13.779 -3.746  -2.421  1.00 45.67  ? 27  ASP A CA  1 
ATOM   164 C  C   . ASP A 1 22 ? -12.495 -3.025  -2.722  1.00 44.71  ? 27  ASP A C   1 
ATOM   165 O  O   . ASP A 1 22 ? -11.738 -2.661  -1.792  1.00 41.99  ? 27  ASP A O   1 
ATOM   166 C  CB  . ASP A 1 22 ? -14.988 -2.992  -2.974  1.00 47.55  ? 27  ASP A CB  1 
ATOM   167 C  CG  . ASP A 1 22 ? -15.231 -1.652  -2.276  1.00 49.48  ? 27  ASP A CG  1 
ATOM   168 O  OD1 . ASP A 1 22 ? -14.272 -0.913  -1.971  1.00 49.95  ? 27  ASP A OD1 1 
ATOM   169 O  OD2 . ASP A 1 22 ? -16.401 -1.333  -2.095  1.00 50.65  ? 27  ASP A OD2 1 
ATOM   170 N  N   . HIS A 1 23 ? -12.217 -2.879  -4.027  1.00 41.18  ? 28  HIS A N   1 
ATOM   171 C  CA  . HIS A 1 23 ? -10.968 -2.335  -4.512  1.00 42.04  ? 28  HIS A CA  1 
ATOM   172 C  C   . HIS A 1 23 ? -10.819 -0.876  -4.141  1.00 44.68  ? 28  HIS A C   1 
ATOM   173 O  O   . HIS A 1 23 ? -9.718  -0.425  -3.850  1.00 45.11  ? 28  HIS A O   1 
ATOM   174 C  CB  . HIS A 1 23 ? -10.831 -2.506  -6.057  1.00 41.59  ? 28  HIS A CB  1 
ATOM   175 C  CG  . HIS A 1 23 ? -10.617 -3.942  -6.503  1.00 39.05  ? 28  HIS A CG  1 
ATOM   176 N  ND1 . HIS A 1 23 ? -11.630 -4.872  -6.520  1.00 36.70  ? 28  HIS A ND1 1 
ATOM   177 C  CD2 . HIS A 1 23 ? -9.511  -4.585  -6.974  1.00 38.92  ? 28  HIS A CD2 1 
ATOM   178 C  CE1 . HIS A 1 23 ? -11.150 -6.045  -6.919  1.00 37.75  ? 28  HIS A CE1 1 
ATOM   179 N  NE2 . HIS A 1 23 ? -9.880  -5.889  -7.255  1.00 32.97  ? 28  HIS A NE2 1 
ATOM   180 N  N   . ALA A 1 24 ? -11.938 -0.149  -4.133  1.00 47.26  ? 29  ALA A N   1 
ATOM   181 C  CA  . ALA A 1 24 ? -11.937 1.283   -3.809  1.00 48.46  ? 29  ALA A CA  1 
ATOM   182 C  C   . ALA A 1 24 ? -11.540 1.518   -2.353  1.00 46.64  ? 29  ALA A C   1 
ATOM   183 O  O   . ALA A 1 24 ? -10.760 2.389   -2.070  1.00 50.61  ? 29  ALA A O   1 
ATOM   184 C  CB  . ALA A 1 24 ? -13.318 1.879   -4.076  1.00 48.34  ? 29  ALA A CB  1 
ATOM   185 N  N   . GLU A 1 25 ? -12.098 0.729   -1.449  1.00 47.82  ? 30  GLU A N   1 
ATOM   186 C  CA  . GLU A 1 25 ? -11.746 0.815   -0.041  1.00 49.03  ? 30  GLU A CA  1 
ATOM   187 C  C   . GLU A 1 25 ? -10.267 0.492   0.231   1.00 47.09  ? 30  GLU A C   1 
ATOM   188 O  O   . GLU A 1 25 ? -9.657  1.146   1.038   1.00 42.88  ? 30  GLU A O   1 
ATOM   189 C  CB  . GLU A 1 25 ? -12.675 -0.052  0.813   1.00 52.45  ? 30  GLU A CB  1 
ATOM   190 C  CG  . GLU A 1 25 ? -14.112 0.473   0.863   1.00 62.43  ? 30  GLU A CG  1 
ATOM   191 C  CD  . GLU A 1 25 ? -14.174 1.935   1.305   1.00 69.48  ? 30  GLU A CD  1 
ATOM   192 O  OE1 . GLU A 1 25 ? -13.674 2.239   2.420   1.00 73.34  ? 30  GLU A OE1 1 
ATOM   193 O  OE2 . GLU A 1 25 ? -14.657 2.786   0.513   1.00 75.60  ? 30  GLU A OE2 1 
ATOM   194 N  N   . ALA A 1 26 ? -9.689  -0.486  -0.476  1.00 44.99  ? 31  ALA A N   1 
ATOM   195 C  CA  . ALA A 1 26 ? -8.251  -0.789  -0.331  1.00 44.79  ? 31  ALA A CA  1 
ATOM   196 C  C   . ALA A 1 26 ? -7.370  0.403   -0.799  1.00 47.66  ? 31  ALA A C   1 
ATOM   197 O  O   . ALA A 1 26 ? -6.441  0.821   -0.093  1.00 43.13  ? 31  ALA A O   1 
ATOM   198 C  CB  . ALA A 1 26 ? -7.888  -2.044  -1.103  1.00 44.43  ? 31  ALA A CB  1 
ATOM   199 N  N   . GLU A 1 27 ? -7.664  0.907   -1.989  1.00 50.23  ? 32  GLU A N   1 
ATOM   200 C  CA  . GLU A 1 27 ? -7.061  2.127   -2.522  1.00 59.18  ? 32  GLU A CA  1 
ATOM   201 C  C   . GLU A 1 27 ? -7.136  3.280   -1.495  1.00 56.84  ? 32  GLU A C   1 
ATOM   202 O  O   . GLU A 1 27 ? -6.133  3.879   -1.164  1.00 57.98  ? 32  GLU A O   1 
ATOM   203 C  CB  . GLU A 1 27 ? -7.808  2.539   -3.818  1.00 63.99  ? 32  GLU A CB  1 
ATOM   204 C  CG  . GLU A 1 27 ? -7.488  3.930   -4.358  1.00 69.75  ? 32  GLU A CG  1 
ATOM   205 C  CD  . GLU A 1 27 ? -6.124  4.002   -5.010  1.00 79.21  ? 32  GLU A CD  1 
ATOM   206 O  OE1 . GLU A 1 27 ? -5.773  3.074   -5.786  1.00 88.10  ? 32  GLU A OE1 1 
ATOM   207 O  OE2 . GLU A 1 27 ? -5.409  5.002   -4.778  1.00 84.16  ? 32  GLU A OE2 1 
ATOM   208 N  N   . LYS A 1 28 ? -8.341  3.554   -1.027  1.00 59.03  ? 33  LYS A N   1 
ATOM   209 C  CA  . LYS A 1 28 ? -8.597  4.614   -0.053  1.00 60.69  ? 33  LYS A CA  1 
ATOM   210 C  C   . LYS A 1 28 ? -7.759  4.414   1.199   1.00 57.24  ? 33  LYS A C   1 
ATOM   211 O  O   . LYS A 1 28 ? -7.085  5.336   1.641   1.00 55.31  ? 33  LYS A O   1 
ATOM   212 C  CB  . LYS A 1 28 ? -10.070 4.640   0.320   1.00 66.97  ? 33  LYS A CB  1 
ATOM   213 C  CG  . LYS A 1 28 ? -10.495 5.857   1.136   1.00 74.74  ? 33  LYS A CG  1 
ATOM   214 C  CD  . LYS A 1 28 ? -11.817 5.639   1.868   1.00 78.74  ? 33  LYS A CD  1 
ATOM   215 C  CE  . LYS A 1 28 ? -12.993 5.588   0.900   1.00 87.18  ? 33  LYS A CE  1 
ATOM   216 N  NZ  . LYS A 1 28 ? -14.293 5.426   1.621   1.00 91.34  ? 33  LYS A NZ  1 
ATOM   217 N  N   . PHE A 1 29 ? -7.772  3.203   1.755   1.00 50.11  ? 34  PHE A N   1 
ATOM   218 C  CA  . PHE A 1 29 ? -6.996  2.945   2.930   1.00 46.51  ? 34  PHE A CA  1 
ATOM   219 C  C   . PHE A 1 29 ? -5.495  3.194   2.683   1.00 49.32  ? 34  PHE A C   1 
ATOM   220 O  O   . PHE A 1 29 ? -4.833  3.846   3.500   1.00 44.04  ? 34  PHE A O   1 
ATOM   221 C  CB  . PHE A 1 29 ? -7.217  1.553   3.440   1.00 46.05  ? 34  PHE A CB  1 
ATOM   222 C  CG  . PHE A 1 29 ? -6.371  1.220   4.618   1.00 46.91  ? 34  PHE A CG  1 
ATOM   223 C  CD1 . PHE A 1 29 ? -6.789  1.541   5.908   1.00 49.08  ? 34  PHE A CD1 1 
ATOM   224 C  CD2 . PHE A 1 29 ? -5.122  0.643   4.450   1.00 46.94  ? 34  PHE A CD2 1 
ATOM   225 C  CE1 . PHE A 1 29 ? -5.987  1.256   7.010   1.00 49.33  ? 34  PHE A CE1 1 
ATOM   226 C  CE2 . PHE A 1 29 ? -4.331  0.331   5.546   1.00 46.98  ? 34  PHE A CE2 1 
ATOM   227 C  CZ  . PHE A 1 29 ? -4.757  0.654   6.826   1.00 48.57  ? 34  PHE A CZ  1 
ATOM   228 N  N   . PHE A 1 30 ? -4.942  2.677   1.581   1.00 48.28  ? 35  PHE A N   1 
ATOM   229 C  CA  . PHE A 1 30 ? -3.498  2.853   1.357   1.00 48.93  ? 35  PHE A CA  1 
ATOM   230 C  C   . PHE A 1 30 ? -3.148  4.313   1.023   1.00 50.36  ? 35  PHE A C   1 
ATOM   231 O  O   . PHE A 1 30 ? -2.109  4.784   1.414   1.00 54.47  ? 35  PHE A O   1 
ATOM   232 C  CB  . PHE A 1 30 ? -2.914  1.833   0.361   1.00 44.69  ? 35  PHE A CB  1 
ATOM   233 C  CG  . PHE A 1 30 ? -2.844  0.411   0.918   1.00 42.04  ? 35  PHE A CG  1 
ATOM   234 C  CD1 . PHE A 1 30 ? -2.329  0.164   2.159   1.00 39.15  ? 35  PHE A CD1 1 
ATOM   235 C  CD2 . PHE A 1 30 ? -3.334  -0.662  0.192   1.00 42.75  ? 35  PHE A CD2 1 
ATOM   236 C  CE1 . PHE A 1 30 ? -2.325  -1.116  2.698   1.00 39.43  ? 35  PHE A CE1 1 
ATOM   237 C  CE2 . PHE A 1 30 ? -3.252  -1.968  0.692   1.00 40.76  ? 35  PHE A CE2 1 
ATOM   238 C  CZ  . PHE A 1 30 ? -2.783  -2.195  1.950   1.00 38.82  ? 35  PHE A CZ  1 
ATOM   239 N  N   . LYS A 1 31 ? -4.082  5.033   0.425   1.00 58.88  ? 36  LYS A N   1 
ATOM   240 C  CA  . LYS A 1 31 ? -4.011  6.509   0.348   1.00 64.10  ? 36  LYS A CA  1 
ATOM   241 C  C   . LYS A 1 31 ? -3.880  7.157   1.736   1.00 61.44  ? 36  LYS A C   1 
ATOM   242 O  O   . LYS A 1 31 ? -2.953  7.908   1.988   1.00 63.40  ? 36  LYS A O   1 
ATOM   243 C  CB  . LYS A 1 31 ? -5.254  7.096   -0.371  1.00 69.82  ? 36  LYS A CB  1 
ATOM   244 C  CG  . LYS A 1 31 ? -4.958  7.721   -1.734  1.00 76.01  ? 36  LYS A CG  1 
ATOM   245 C  CD  . LYS A 1 31 ? -6.172  8.429   -2.341  1.00 81.60  ? 36  LYS A CD  1 
ATOM   246 C  CE  . LYS A 1 31 ? -7.118  7.454   -3.051  1.00 87.93  ? 36  LYS A CE  1 
ATOM   247 N  NZ  . LYS A 1 31 ? -8.083  8.141   -3.970  1.00 91.48  ? 36  LYS A NZ  1 
ATOM   248 N  N   . GLN A 1 32 ? -4.814  6.847   2.614   1.00 57.92  ? 37  GLN A N   1 
ATOM   249 C  CA  . GLN A 1 32 ? -4.852  7.431   3.939   1.00 56.81  ? 37  GLN A CA  1 
ATOM   250 C  C   . GLN A 1 32 ? -3.598  7.020   4.765   1.00 54.74  ? 37  GLN A C   1 
ATOM   251 O  O   . GLN A 1 32 ? -3.021  7.848   5.488   1.00 50.54  ? 37  GLN A O   1 
ATOM   252 C  CB  . GLN A 1 32 ? -6.152  7.039   4.647   1.00 60.39  ? 37  GLN A CB  1 
ATOM   253 C  CG  . GLN A 1 32 ? -6.455  7.793   5.942   1.00 67.81  ? 37  GLN A CG  1 
ATOM   254 C  CD  . GLN A 1 32 ? -6.625  9.307   5.732   1.00 76.89  ? 37  GLN A CD  1 
ATOM   255 O  OE1 . GLN A 1 32 ? -6.851  9.782   4.606   1.00 83.91  ? 37  GLN A OE1 1 
ATOM   256 N  NE2 . GLN A 1 32 ? -6.503  10.070  6.820   1.00 80.96  ? 37  GLN A NE2 1 
ATOM   257 N  N   . TYR A 1 33 ? -3.168  5.764   4.630   1.00 48.11  ? 38  TYR A N   1 
ATOM   258 C  CA  . TYR A 1 33 ? -1.971  5.293   5.308   1.00 48.65  ? 38  TYR A CA  1 
ATOM   259 C  C   . TYR A 1 33 ? -0.774  6.127   4.856   1.00 53.68  ? 38  TYR A C   1 
ATOM   260 O  O   . TYR A 1 33 ? 0.105   6.420   5.664   1.00 49.54  ? 38  TYR A O   1 
ATOM   261 C  CB  . TYR A 1 33 ? -1.726  3.825   5.011   1.00 47.47  ? 38  TYR A CB  1 
ATOM   262 C  CG  . TYR A 1 33 ? -0.585  3.184   5.770   1.00 47.07  ? 38  TYR A CG  1 
ATOM   263 C  CD1 . TYR A 1 33 ? -0.802  2.602   6.986   1.00 49.48  ? 38  TYR A CD1 1 
ATOM   264 C  CD2 . TYR A 1 33 ? 0.706   3.115   5.234   1.00 49.96  ? 38  TYR A CD2 1 
ATOM   265 C  CE1 . TYR A 1 33 ? 0.208   1.962   7.671   1.00 50.47  ? 38  TYR A CE1 1 
ATOM   266 C  CE2 . TYR A 1 33 ? 1.745   2.505   5.948   1.00 48.79  ? 38  TYR A CE2 1 
ATOM   267 C  CZ  . TYR A 1 33 ? 1.479   1.934   7.155   1.00 49.89  ? 38  TYR A CZ  1 
ATOM   268 O  OH  . TYR A 1 33 ? 2.481   1.312   7.912   1.00 63.62  ? 38  TYR A OH  1 
ATOM   269 N  N   . ALA A 1 34 ? -0.769  6.504   3.562   1.00 56.40  ? 39  ALA A N   1 
ATOM   270 C  CA  . ALA A 1 34 ? 0.310   7.296   2.950   1.00 60.59  ? 39  ALA A CA  1 
ATOM   271 C  C   . ALA A 1 34 ? 0.365   8.724   3.523   1.00 58.80  ? 39  ALA A C   1 
ATOM   272 O  O   . ALA A 1 34 ? 1.403   9.174   3.957   1.00 59.46  ? 39  ALA A O   1 
ATOM   273 C  CB  . ALA A 1 34 ? 0.136   7.350   1.432   1.00 59.72  ? 39  ALA A CB  1 
ATOM   274 N  N   . ASN A 1 35 ? -0.769  9.415   3.479   1.00 61.70  ? 40  ASN A N   1 
ATOM   275 C  CA  . ASN A 1 35 ? -0.956  10.693  4.169   1.00 66.93  ? 40  ASN A CA  1 
ATOM   276 C  C   . ASN A 1 35 ? -0.598  10.606  5.674   1.00 61.77  ? 40  ASN A C   1 
ATOM   277 O  O   . ASN A 1 35 ? 0.154   11.409  6.155   1.00 66.01  ? 40  ASN A O   1 
ATOM   278 C  CB  . ASN A 1 35 ? -2.404  11.189  3.968   1.00 74.24  ? 40  ASN A CB  1 
ATOM   279 C  CG  . ASN A 1 35 ? -2.839  12.195  5.023   1.00 80.92  ? 40  ASN A CG  1 
ATOM   280 O  OD1 . ASN A 1 35 ? -2.590  13.391  4.890   1.00 90.07  ? 40  ASN A OD1 1 
ATOM   281 N  ND2 . ASN A 1 35 ? -3.522  11.713  6.066   1.00 83.72  ? 40  ASN A ND2 1 
ATOM   282 N  N   . ASP A 1 36 ? -1.099  9.589   6.378   1.00 57.28  ? 41  ASP A N   1 
ATOM   283 C  CA  . ASP A 1 36 ? -0.882  9.469   7.831   1.00 53.86  ? 41  ASP A CA  1 
ATOM   284 C  C   . ASP A 1 36 ? 0.559   9.224   8.227   1.00 51.17  ? 41  ASP A C   1 
ATOM   285 O  O   . ASP A 1 36 ? 0.966   9.555   9.351   1.00 47.94  ? 41  ASP A O   1 
ATOM   286 C  CB  . ASP A 1 36 ? -1.710  8.342   8.430   1.00 53.67  ? 41  ASP A CB  1 
ATOM   287 C  CG  . ASP A 1 36 ? -3.183  8.646   8.470   1.00 56.00  ? 41  ASP A CG  1 
ATOM   288 O  OD1 . ASP A 1 36 ? -3.607  9.711   7.973   1.00 56.99  ? 41  ASP A OD1 1 
ATOM   289 O  OD2 . ASP A 1 36 ? -3.927  7.788   9.003   1.00 58.93  ? 41  ASP A OD2 1 
ATOM   290 N  N   . ASN A 1 37 ? 1.312   8.539   7.383   1.00 44.88  ? 42  ASN A N   1 
ATOM   291 C  CA  . ASN A 1 37 ? 2.668   8.232   7.731   1.00 44.64  ? 42  ASN A CA  1 
ATOM   292 C  C   . ASN A 1 37 ? 3.673   9.114   6.972   1.00 44.99  ? 42  ASN A C   1 
ATOM   293 O  O   . ASN A 1 37 ? 4.843   8.895   7.082   1.00 46.64  ? 42  ASN A O   1 
ATOM   294 C  CB  . ASN A 1 37 ? 2.961   6.748   7.546   1.00 44.34  ? 42  ASN A CB  1 
ATOM   295 C  CG  . ASN A 1 37 ? 2.118   5.863   8.476   1.00 46.22  ? 42  ASN A CG  1 
ATOM   296 O  OD1 . ASN A 1 37 ? 2.540   5.517   9.580   1.00 44.78  ? 42  ASN A OD1 1 
ATOM   297 N  ND2 . ASN A 1 37 ? 0.941   5.448   7.991   1.00 44.54  ? 42  ASN A ND2 1 
ATOM   298 N  N   . GLY A 1 38 ? 3.185   10.129  6.239   1.00 47.42  ? 43  GLY A N   1 
ATOM   299 C  CA  . GLY A 1 38 ? 4.063   11.020  5.455   1.00 53.10  ? 43  GLY A CA  1 
ATOM   300 C  C   . GLY A 1 38 ? 4.918   10.274  4.427   1.00 56.75  ? 43  GLY A C   1 
ATOM   301 O  O   . GLY A 1 38 ? 6.133   10.533  4.299   1.00 60.48  ? 43  GLY A O   1 
ATOM   302 N  N   . VAL A 1 39 ? 4.291   9.336   3.707   1.00 53.80  ? 44  VAL A N   1 
ATOM   303 C  CA  . VAL A 1 39 ? 5.019   8.483   2.771   1.00 52.17  ? 44  VAL A CA  1 
ATOM   304 C  C   . VAL A 1 39 ? 5.100   9.195   1.459   1.00 50.28  ? 44  VAL A C   1 
ATOM   305 O  O   . VAL A 1 39 ? 4.078   9.568   0.857   1.00 52.11  ? 44  VAL A O   1 
ATOM   306 C  CB  . VAL A 1 39 ? 4.350   7.105   2.548   1.00 55.36  ? 44  VAL A CB  1 
ATOM   307 C  CG1 . VAL A 1 39 ? 5.168   6.282   1.543   1.00 56.53  ? 44  VAL A CG1 1 
ATOM   308 C  CG2 . VAL A 1 39 ? 4.224   6.345   3.877   1.00 55.68  ? 44  VAL A CG2 1 
ATOM   309 N  N   . ASP A 1 40 ? 6.309   9.397   1.013   1.00 45.81  ? 45  ASP A N   1 
ATOM   310 C  CA  . ASP A 1 40 ? 6.544   10.070  -0.223  1.00 47.31  ? 45  ASP A CA  1 
ATOM   311 C  C   . ASP A 1 40 ? 7.408   9.177   -1.073  1.00 42.91  ? 45  ASP A C   1 
ATOM   312 O  O   . ASP A 1 40 ? 8.598   9.051   -0.826  1.00 42.82  ? 45  ASP A O   1 
ATOM   313 C  CB  . ASP A 1 40 ? 7.229   11.396  0.066   1.00 51.18  ? 45  ASP A CB  1 
ATOM   314 C  CG  . ASP A 1 40 ? 7.436   12.233  -1.169  1.00 54.53  ? 45  ASP A CG  1 
ATOM   315 O  OD1 . ASP A 1 40 ? 6.719   12.051  -2.173  1.00 59.31  ? 45  ASP A OD1 1 
ATOM   316 O  OD2 . ASP A 1 40 ? 8.312   13.093  -1.108  1.00 58.67  ? 45  ASP A OD2 1 
ATOM   317 N  N   . GLY A 1 41 ? 6.784   8.489   -2.021  1.00 41.74  ? 46  GLY A N   1 
ATOM   318 C  CA  . GLY A 1 41 ? 7.480   7.526   -2.845  1.00 38.69  ? 46  GLY A CA  1 
ATOM   319 C  C   . GLY A 1 41 ? 6.815   7.318   -4.163  1.00 38.66  ? 46  GLY A C   1 
ATOM   320 O  O   . GLY A 1 41 ? 5.794   7.910   -4.460  1.00 40.48  ? 46  GLY A O   1 
ATOM   321 N  N   . GLU A 1 42 ? 7.424   6.481   -4.964  1.00 39.29  ? 47  GLU A N   1 
ATOM   322 C  CA  . GLU A 1 42 ? 6.845   6.030   -6.188  1.00 39.88  ? 47  GLU A CA  1 
ATOM   323 C  C   . GLU A 1 42 ? 6.052   4.734   -5.948  1.00 39.88  ? 47  GLU A C   1 
ATOM   324 O  O   . GLU A 1 42 ? 6.538   3.806   -5.283  1.00 39.70  ? 47  GLU A O   1 
ATOM   325 C  CB  . GLU A 1 42 ? 7.916   5.825   -7.246  1.00 40.38  ? 47  GLU A CB  1 
ATOM   326 C  CG  . GLU A 1 42 ? 8.912   4.721   -6.956  1.00 42.95  ? 47  GLU A CG  1 
ATOM   327 C  CD  . GLU A 1 42 ? 10.129  4.804   -7.850  1.00 46.37  ? 47  GLU A CD  1 
ATOM   328 O  OE1 . GLU A 1 42 ? 10.896  5.778   -7.732  1.00 45.68  ? 47  GLU A OE1 1 
ATOM   329 O  OE2 . GLU A 1 42 ? 10.291  3.917   -8.704  1.00 51.48  ? 47  GLU A OE2 1 
ATOM   330 N  N   . TRP A 1 43 ? 4.861   4.678   -6.555  1.00 37.92  ? 48  TRP A N   1 
ATOM   331 C  CA  . TRP A 1 43 ? 3.868   3.615   -6.335  1.00 38.95  ? 48  TRP A CA  1 
ATOM   332 C  C   . TRP A 1 43 ? 3.709   2.731   -7.540  1.00 42.08  ? 48  TRP A C   1 
ATOM   333 O  O   . TRP A 1 43 ? 3.779   3.209   -8.673  1.00 41.46  ? 48  TRP A O   1 
ATOM   334 C  CB  . TRP A 1 43 ? 2.543   4.215   -6.028  1.00 39.31  ? 48  TRP A CB  1 
ATOM   335 C  CG  . TRP A 1 43 ? 2.489   4.896   -4.719  1.00 39.36  ? 48  TRP A CG  1 
ATOM   336 C  CD1 . TRP A 1 43 ? 2.963   6.104   -4.414  1.00 41.42  ? 48  TRP A CD1 1 
ATOM   337 C  CD2 . TRP A 1 43 ? 1.894   4.378   -3.540  1.00 40.71  ? 48  TRP A CD2 1 
ATOM   338 N  NE1 . TRP A 1 43 ? 2.691   6.405   -3.094  1.00 42.39  ? 48  TRP A NE1 1 
ATOM   339 C  CE2 . TRP A 1 43 ? 2.029   5.345   -2.544  1.00 41.33  ? 48  TRP A CE2 1 
ATOM   340 C  CE3 . TRP A 1 43 ? 1.239   3.187   -3.239  1.00 41.93  ? 48  TRP A CE3 1 
ATOM   341 C  CZ2 . TRP A 1 43 ? 1.584   5.144   -1.261  1.00 42.95  ? 48  TRP A CZ2 1 
ATOM   342 C  CZ3 . TRP A 1 43 ? 0.773   2.994   -1.951  1.00 43.01  ? 48  TRP A CZ3 1 
ATOM   343 C  CH2 . TRP A 1 43 ? 0.938   3.963   -0.991  1.00 43.38  ? 48  TRP A CH2 1 
ATOM   344 N  N   . THR A 1 44 ? 3.527   1.435   -7.293  1.00 40.14  ? 49  THR A N   1 
ATOM   345 C  CA  . THR A 1 44 ? 2.996   0.506   -8.282  1.00 41.37  ? 49  THR A CA  1 
ATOM   346 C  C   . THR A 1 44 ? 1.800   -0.246  -7.695  1.00 42.13  ? 49  THR A C   1 
ATOM   347 O  O   . THR A 1 44 ? 1.591   -0.247  -6.446  1.00 37.01  ? 49  THR A O   1 
ATOM   348 C  CB  . THR A 1 44 ? 4.051   -0.516  -8.734  1.00 42.43  ? 49  THR A CB  1 
ATOM   349 O  OG1 . THR A 1 44 ? 4.354   -1.423  -7.669  1.00 40.96  ? 49  THR A OG1 1 
ATOM   350 C  CG2 . THR A 1 44 ? 5.338   0.190   -9.173  1.00 46.09  ? 49  THR A CG2 1 
ATOM   351 N  N   . TYR A 1 45 ? 0.993   -0.841  -8.597  1.00 39.83  ? 50  TYR A N   1 
ATOM   352 C  CA  . TYR A 1 45 ? -0.062  -1.755  -8.234  1.00 38.46  ? 50  TYR A CA  1 
ATOM   353 C  C   . TYR A 1 45 ? -0.082  -2.906  -9.207  1.00 41.75  ? 50  TYR A C   1 
ATOM   354 O  O   . TYR A 1 45 ? -0.060  -2.697  -10.400 1.00 41.78  ? 50  TYR A O   1 
ATOM   355 C  CB  . TYR A 1 45 ? -1.427  -1.061  -8.226  1.00 39.41  ? 50  TYR A CB  1 
ATOM   356 C  CG  . TYR A 1 45 ? -2.530  -2.021  -7.852  1.00 38.78  ? 50  TYR A CG  1 
ATOM   357 C  CD1 . TYR A 1 45 ? -2.612  -2.526  -6.550  1.00 38.27  ? 50  TYR A CD1 1 
ATOM   358 C  CD2 . TYR A 1 45 ? -3.449  -2.503  -8.818  1.00 39.05  ? 50  TYR A CD2 1 
ATOM   359 C  CE1 . TYR A 1 45 ? -3.573  -3.439  -6.191  1.00 41.08  ? 50  TYR A CE1 1 
ATOM   360 C  CE2 . TYR A 1 45 ? -4.419  -3.449  -8.476  1.00 39.14  ? 50  TYR A CE2 1 
ATOM   361 C  CZ  . TYR A 1 45 ? -4.487  -3.916  -7.161  1.00 40.48  ? 50  TYR A CZ  1 
ATOM   362 O  OH  . TYR A 1 45 ? -5.426  -4.838  -6.759  1.00 38.12  ? 50  TYR A OH  1 
ATOM   363 N  N   . ASP A 1 46 ? -0.101  -4.117  -8.684  1.00 40.07  ? 51  ASP A N   1 
ATOM   364 C  CA  . ASP A 1 46 ? -0.228  -5.310  -9.466  1.00 41.41  ? 51  ASP A CA  1 
ATOM   365 C  C   . ASP A 1 46 ? -1.563  -6.033  -9.135  1.00 39.71  ? 51  ASP A C   1 
ATOM   366 O  O   . ASP A 1 46 ? -1.701  -6.683  -8.076  1.00 38.05  ? 51  ASP A O   1 
ATOM   367 C  CB  . ASP A 1 46 ? 0.933   -6.249  -9.190  1.00 41.42  ? 51  ASP A CB  1 
ATOM   368 C  CG  . ASP A 1 46 ? 0.859   -7.522  -10.040 1.00 46.31  ? 51  ASP A CG  1 
ATOM   369 O  OD1 . ASP A 1 46 ? 0.458   -7.417  -11.180 1.00 53.95  ? 51  ASP A OD1 1 
ATOM   370 O  OD2 . ASP A 1 46 ? 1.136   -8.620  -9.554  1.00 52.07  ? 51  ASP A OD2 1 
ATOM   371 N  N   . GLU A 1 47 ? -2.521  -5.929  -10.051 1.00 40.16  ? 52  GLU A N   1 
ATOM   372 C  CA  . GLU A 1 47 ? -3.854  -6.545  -9.882  1.00 40.88  ? 52  GLU A CA  1 
ATOM   373 C  C   . GLU A 1 47 ? -3.796  -8.049  -9.703  1.00 41.31  ? 52  GLU A C   1 
ATOM   374 O  O   . GLU A 1 47 ? -4.538  -8.613  -8.894  1.00 39.06  ? 52  GLU A O   1 
ATOM   375 C  CB  . GLU A 1 47 ? -4.801  -6.139  -11.050 1.00 42.17  ? 52  GLU A CB  1 
ATOM   376 C  CG  . GLU A 1 47 ? -6.178  -6.827  -11.049 1.00 42.25  ? 52  GLU A CG  1 
ATOM   377 C  CD  . GLU A 1 47 ? -6.962  -6.667  -9.722  1.00 45.32  ? 52  GLU A CD  1 
ATOM   378 O  OE1 . GLU A 1 47 ? -6.804  -5.633  -9.018  1.00 43.37  ? 52  GLU A OE1 1 
ATOM   379 O  OE2 . GLU A 1 47 ? -7.765  -7.560  -9.419  1.00 42.96  ? 52  GLU A OE2 1 
ATOM   380 N  N   . ALA A 1 48 ? -2.881  -8.707  -10.403 1.00 40.58  ? 53  ALA A N   1 
ATOM   381 C  CA  . ALA A 1 48 ? -2.771  -10.144 -10.299 1.00 41.29  ? 53  ALA A CA  1 
ATOM   382 C  C   . ALA A 1 48 ? -2.532  -10.604 -8.887  1.00 40.42  ? 53  ALA A C   1 
ATOM   383 O  O   . ALA A 1 48 ? -3.024  -11.654 -8.482  1.00 43.93  ? 53  ALA A O   1 
ATOM   384 C  CB  . ALA A 1 48 ? -1.663  -10.660 -11.216 1.00 44.30  ? 53  ALA A CB  1 
ATOM   385 N  N   . THR A 1 49 ? -1.701  -9.880  -8.147  1.00 40.89  ? 54  THR A N   1 
ATOM   386 C  CA  . THR A 1 49 ? -1.337  -10.288 -6.765  1.00 38.06  ? 54  THR A CA  1 
ATOM   387 C  C   . THR A 1 49 ? -1.953  -9.349  -5.697  1.00 35.96  ? 54  THR A C   1 
ATOM   388 O  O   . THR A 1 49 ? -1.648  -9.480  -4.509  1.00 37.74  ? 54  THR A O   1 
ATOM   389 C  CB  . THR A 1 49 ? 0.202   -10.269 -6.564  1.00 40.73  ? 54  THR A CB  1 
ATOM   390 O  OG1 . THR A 1 49 ? 0.701   -8.945  -6.847  1.00 39.58  ? 54  THR A OG1 1 
ATOM   391 C  CG2 . THR A 1 49 ? 0.877   -11.290 -7.476  1.00 42.68  ? 54  THR A CG2 1 
ATOM   392 N  N   . HIS A 1 50 ? -2.741  -8.376  -6.129  1.00 34.17  ? 55  HIS A N   1 
ATOM   393 C  CA  . HIS A 1 50 ? -3.401  -7.421  -5.219  1.00 35.47  ? 55  HIS A CA  1 
ATOM   394 C  C   . HIS A 1 50 ? -2.361  -6.675  -4.375  1.00 35.60  ? 55  HIS A C   1 
ATOM   395 O  O   . HIS A 1 50 ? -2.584  -6.417  -3.177  1.00 33.65  ? 55  HIS A O   1 
ATOM   396 C  CB  . HIS A 1 50 ? -4.456  -8.138  -4.324  1.00 34.69  ? 55  HIS A CB  1 
ATOM   397 C  CG  . HIS A 1 50 ? -5.835  -8.147  -4.913  1.00 36.51  ? 55  HIS A CG  1 
ATOM   398 N  ND1 . HIS A 1 50 ? -6.956  -8.444  -4.177  1.00 34.89  ? 55  HIS A ND1 1 
ATOM   399 C  CD2 . HIS A 1 50 ? -6.267  -7.882  -6.175  1.00 35.30  ? 55  HIS A CD2 1 
ATOM   400 C  CE1 . HIS A 1 50 ? -8.023  -8.321  -4.950  1.00 38.42  ? 55  HIS A CE1 1 
ATOM   401 N  NE2 . HIS A 1 50 ? -7.627  -8.003  -6.168  1.00 37.37  ? 55  HIS A NE2 1 
ATOM   402 N  N   . THR A 1 51 ? -1.255  -6.292  -5.028  1.00 35.45  ? 56  THR A N   1 
ATOM   403 C  CA  . THR A 1 51 ? -0.057  -5.758  -4.333  1.00 33.91  ? 56  THR A CA  1 
ATOM   404 C  C   . THR A 1 51 ? 0.286   -4.364  -4.782  1.00 34.72  ? 56  THR A C   1 
ATOM   405 O  O   . THR A 1 51 ? 0.540   -4.100  -5.990  1.00 34.58  ? 56  THR A O   1 
ATOM   406 C  CB  . THR A 1 51 ? 1.143   -6.709  -4.471  1.00 34.45  ? 56  THR A CB  1 
ATOM   407 O  OG1 . THR A 1 51 ? 0.812   -7.945  -3.861  1.00 33.30  ? 56  THR A OG1 1 
ATOM   408 C  CG2 . THR A 1 51 ? 2.377   -6.167  -3.789  1.00 35.60  ? 56  THR A CG2 1 
ATOM   409 N  N   . PHE A 1 52 ? 0.234   -3.448  -3.827  1.00 30.97  ? 57  PHE A N   1 
ATOM   410 C  CA  . PHE A 1 52 ? 0.797   -2.135  -3.979  1.00 32.54  ? 57  PHE A CA  1 
ATOM   411 C  C   . PHE A 1 52 ? 2.228   -2.155  -3.493  1.00 33.87  ? 57  PHE A C   1 
ATOM   412 O  O   . PHE A 1 52 ? 2.555   -2.850  -2.531  1.00 34.18  ? 57  PHE A O   1 
ATOM   413 C  CB  . PHE A 1 52 ? 0.039   -1.105  -3.138  1.00 33.32  ? 57  PHE A CB  1 
ATOM   414 C  CG  . PHE A 1 52 ? -1.412  -0.955  -3.474  1.00 35.38  ? 57  PHE A CG  1 
ATOM   415 C  CD1 . PHE A 1 52 ? -2.347  -1.839  -2.972  1.00 36.40  ? 57  PHE A CD1 1 
ATOM   416 C  CD2 . PHE A 1 52 ? -1.861  0.172   -4.169  1.00 39.66  ? 57  PHE A CD2 1 
ATOM   417 C  CE1 . PHE A 1 52 ? -3.701  -1.662  -3.219  1.00 39.82  ? 57  PHE A CE1 1 
ATOM   418 C  CE2 . PHE A 1 52 ? -3.223  0.370   -4.403  1.00 40.72  ? 57  PHE A CE2 1 
ATOM   419 C  CZ  . PHE A 1 52 ? -4.138  -0.543  -3.933  1.00 39.26  ? 57  PHE A CZ  1 
ATOM   420 N  N   . THR A 1 53 ? 3.108   -1.394  -4.161  1.00 36.69  ? 58  THR A N   1 
ATOM   421 C  CA  . THR A 1 53 ? 4.408   -1.068  -3.570  1.00 36.54  ? 58  THR A CA  1 
ATOM   422 C  C   . THR A 1 53 ? 4.602   0.410   -3.523  1.00 37.88  ? 58  THR A C   1 
ATOM   423 O  O   . THR A 1 53 ? 4.106   1.155   -4.416  1.00 35.67  ? 58  THR A O   1 
ATOM   424 C  CB  . THR A 1 53 ? 5.592   -1.710  -4.293  1.00 38.48  ? 58  THR A CB  1 
ATOM   425 O  OG1 . THR A 1 53 ? 5.843   -0.988  -5.476  1.00 45.06  ? 58  THR A OG1 1 
ATOM   426 C  CG2 . THR A 1 53 ? 5.303   -3.172  -4.640  1.00 35.96  ? 58  THR A CG2 1 
ATOM   427 N  N   . VAL A 1 54 ? 5.306   0.861   -2.480  1.00 35.55  ? 59  VAL A N   1 
ATOM   428 C  CA  . VAL A 1 54 ? 5.779   2.250   -2.401  1.00 36.68  ? 59  VAL A CA  1 
ATOM   429 C  C   . VAL A 1 54 ? 7.283   2.291   -2.076  1.00 37.90  ? 59  VAL A C   1 
ATOM   430 O  O   . VAL A 1 54 ? 7.757   1.606   -1.150  1.00 35.12  ? 59  VAL A O   1 
ATOM   431 C  CB  . VAL A 1 54 ? 4.921   3.138   -1.459  1.00 34.43  ? 59  VAL A CB  1 
ATOM   432 C  CG1 . VAL A 1 54 ? 5.028   2.695   0.004   1.00 35.17  ? 59  VAL A CG1 1 
ATOM   433 C  CG2 . VAL A 1 54 ? 5.324   4.617   -1.595  1.00 35.30  ? 59  VAL A CG2 1 
ATOM   434 N  N   . THR A 1 55 ? 8.042   3.023   -2.911  1.00 38.11  ? 60  THR A N   1 
ATOM   435 C  CA  . THR A 1 55 ? 9.506   3.092   -2.791  1.00 37.24  ? 60  THR A CA  1 
ATOM   436 C  C   . THR A 1 55 ? 9.906   4.537   -2.639  1.00 39.02  ? 60  THR A C   1 
ATOM   437 O  O   . THR A 1 55 ? 9.641   5.362   -3.530  1.00 38.11  ? 60  THR A O   1 
ATOM   438 C  CB  . THR A 1 55 ? 10.173  2.450   -3.991  1.00 39.50  ? 60  THR A CB  1 
ATOM   439 O  OG1 . THR A 1 55 ? 9.717   1.109   -4.094  1.00 37.02  ? 60  THR A OG1 1 
ATOM   440 C  CG2 . THR A 1 55 ? 11.672  2.434   -3.853  1.00 40.50  ? 60  THR A CG2 1 
ATOM   441 N  N   . GLU A 1 56 ? 10.464  4.862   -1.466  1.00 37.07  ? 61  GLU A N   1 
ATOM   442 C  CA  . GLU A 1 56 ? 10.924  6.217   -1.162  1.00 41.33  ? 61  GLU A CA  1 
ATOM   443 C  C   . GLU A 1 56 ? 12.230  6.495   -1.838  1.00 36.62  ? 61  GLU A C   1 
ATOM   444 O  O   . GLU A 1 56 ? 12.913  5.555   -2.163  1.00 33.17  ? 61  GLU A O   1 
ATOM   445 C  CB  . GLU A 1 56 ? 11.167  6.392   0.324   1.00 42.86  ? 61  GLU A CB  1 
ATOM   446 C  CG  . GLU A 1 56 ? 9.958   6.401   1.171   1.00 45.57  ? 61  GLU A CG  1 
ATOM   447 C  CD  . GLU A 1 56 ? 10.312  6.514   2.670   1.00 47.86  ? 61  GLU A CD  1 
ATOM   448 O  OE1 . GLU A 1 56 ? 11.456  6.160   3.104   1.00 46.30  ? 61  GLU A OE1 1 
ATOM   449 O  OE2 . GLU A 1 56 ? 9.426   6.907   3.410   1.00 52.91  ? 61  GLU A OE2 1 
ATOM   450 O  OXT . GLU A 1 56 ? 12.668  7.672   -1.946  1.00 39.56  ? 61  GLU A OXT 1 
HETATM 451 ZN ZN  . ZN  B 2 .  ? -8.861  -7.466  -7.761  1.00 38.47  ? 101 ZN  A ZN  1 
HETATM 452 C  C1  . MPD C 3 .  ? -7.711  -1.663  7.841   1.00 80.71  ? 102 MPD A C1  1 
HETATM 453 C  C2  . MPD C 3 .  ? -9.061  -1.913  7.171   1.00 81.86  ? 102 MPD A C2  1 
HETATM 454 O  O2  . MPD C 3 .  ? -9.150  -3.310  6.859   1.00 80.57  ? 102 MPD A O2  1 
HETATM 455 C  CM  . MPD C 3 .  ? -10.182 -1.548  8.133   1.00 81.97  ? 102 MPD A CM  1 
HETATM 456 C  C3  . MPD C 3 .  ? -9.151  -1.085  5.876   1.00 83.64  ? 102 MPD A C3  1 
HETATM 457 C  C4  . MPD C 3 .  ? -10.407 -1.299  5.013   1.00 83.56  ? 102 MPD A C4  1 
HETATM 458 O  O4  . MPD C 3 .  ? -10.975 -2.590  5.224   1.00 85.87  ? 102 MPD A O4  1 
HETATM 459 C  C5  . MPD C 3 .  ? -11.477 -0.245  5.281   1.00 86.62  ? 102 MPD A C5  1 
HETATM 460 NA NA  . NA  D 4 .  ? 12.047  5.542   5.995   1.00 61.61  ? 103 NA  A NA  1 
HETATM 461 S  S   . SO4 E 5 .  ? -2.112  -10.993 -1.211  1.00 104.90 ? 104 SO4 A S   1 
HETATM 462 O  O1  . SO4 E 5 .  ? -3.198  -11.992 -1.281  1.00 100.86 ? 104 SO4 A O1  1 
HETATM 463 O  O2  . SO4 E 5 .  ? -2.687  -9.644  -1.417  1.00 92.37  ? 104 SO4 A O2  1 
HETATM 464 O  O3  . SO4 E 5 .  ? -1.100  -11.311 -2.261  1.00 100.79 ? 104 SO4 A O3  1 
HETATM 465 O  O4  . SO4 E 5 .  ? -1.467  -11.026 0.126   1.00 101.84 ? 104 SO4 A O4  1 
HETATM 466 S  S   . SO4 F 5 .  ? 10.439  -6.821  6.480   1.00 121.50 ? 105 SO4 A S   1 
HETATM 467 O  O1  . SO4 F 5 .  ? 9.454   -6.332  7.470   1.00 115.80 ? 105 SO4 A O1  1 
HETATM 468 O  O2  . SO4 F 5 .  ? 10.446  -8.307  6.457   1.00 116.67 ? 105 SO4 A O2  1 
HETATM 469 O  O3  . SO4 F 5 .  ? 10.077  -6.312  5.136   1.00 123.14 ? 105 SO4 A O3  1 
HETATM 470 O  O4  . SO4 F 5 .  ? 11.788  -6.319  6.838   1.00 121.82 ? 105 SO4 A O4  1 
HETATM 471 S  S   . SO4 G 5 .  ? -19.768 -3.528  -2.984  1.00 138.39 ? 106 SO4 A S   1 
HETATM 472 O  O1  . SO4 G 5 .  ? -19.300 -4.899  -2.667  1.00 134.52 ? 106 SO4 A O1  1 
HETATM 473 O  O2  . SO4 G 5 .  ? -21.216 -3.566  -3.295  1.00 143.18 ? 106 SO4 A O2  1 
HETATM 474 O  O3  . SO4 G 5 .  ? -19.027 -2.989  -4.158  1.00 135.23 ? 106 SO4 A O3  1 
HETATM 475 O  O4  . SO4 G 5 .  ? -19.562 -2.653  -1.806  1.00 136.28 ? 106 SO4 A O4  1 
HETATM 476 C  C1  . EDO H 6 .  ? -6.604  0.691   -7.659  1.00 75.90  ? 107 EDO A C1  1 
HETATM 477 O  O1  . EDO H 6 .  ? -6.100  0.782   -8.990  1.00 78.69  ? 107 EDO A O1  1 
HETATM 478 C  C2  . EDO H 6 .  ? -7.496  -0.536  -7.523  1.00 74.04  ? 107 EDO A C2  1 
HETATM 479 O  O2  . EDO H 6 .  ? -7.232  -1.158  -6.256  1.00 75.90  ? 107 EDO A O2  1 
HETATM 480 C  C1  . EDO I 6 .  ? -1.771  6.284   -2.585  1.00 73.66  ? 108 EDO A C1  1 
HETATM 481 O  O1  . EDO I 6 .  ? -1.141  7.093   -3.585  1.00 75.97  ? 108 EDO A O1  1 
HETATM 482 C  C2  . EDO I 6 .  ? -2.513  5.118   -3.231  1.00 72.70  ? 108 EDO A C2  1 
HETATM 483 O  O2  . EDO I 6 .  ? -2.533  5.290   -4.656  1.00 71.34  ? 108 EDO A O2  1 
HETATM 484 C  C1  . EDO J 6 .  ? 11.888  -4.404  1.067   1.00 86.29  ? 109 EDO A C1  1 
HETATM 485 O  O1  . EDO J 6 .  ? 12.092  -5.595  0.300   1.00 87.57  ? 109 EDO A O1  1 
HETATM 486 C  C2  . EDO J 6 .  ? 10.515  -4.455  1.710   1.00 84.82  ? 109 EDO A C2  1 
HETATM 487 O  O2  . EDO J 6 .  ? 10.129  -5.821  1.925   1.00 83.95  ? 109 EDO A O2  1 
HETATM 488 C  C1  . GOL K 7 .  ? -7.456  -12.768 -1.599  1.00 70.06  ? 110 GOL A C1  1 
HETATM 489 O  O1  . GOL K 7 .  ? -8.466  -12.540 -0.556  1.00 61.56  ? 110 GOL A O1  1 
HETATM 490 C  C2  . GOL K 7 .  ? -7.807  -12.055 -2.924  1.00 66.45  ? 110 GOL A C2  1 
HETATM 491 O  O2  . GOL K 7 .  ? -8.397  -10.801 -2.658  1.00 68.89  ? 110 GOL A O2  1 
HETATM 492 C  C3  . GOL K 7 .  ? -6.591  -11.834 -3.828  1.00 66.93  ? 110 GOL A C3  1 
HETATM 493 O  O3  . GOL K 7 .  ? -7.009  -11.437 -5.200  1.00 61.04  ? 110 GOL A O3  1 
HETATM 494 C  C1  . GOL L 7 .  ? -9.963  -4.129  -11.346 1.00 84.38  ? 111 GOL A C1  1 
HETATM 495 O  O1  . GOL L 7 .  ? -10.942 -3.612  -10.430 1.00 80.53  ? 111 GOL A O1  1 
HETATM 496 C  C2  . GOL L 7 .  ? -10.523 -5.391  -12.016 1.00 89.10  ? 111 GOL A C2  1 
HETATM 497 O  O2  . GOL L 7 .  ? -11.294 -5.061  -13.185 1.00 93.01  ? 111 GOL A O2  1 
HETATM 498 C  C3  . GOL L 7 .  ? -9.393  -6.330  -12.434 1.00 90.88  ? 111 GOL A C3  1 
HETATM 499 O  O3  . GOL L 7 .  ? -9.874  -7.323  -13.349 1.00 88.52  ? 111 GOL A O3  1 
HETATM 500 O  O   . HOH M 8 .  ? -11.379 -8.350  -12.122 1.00 68.10  ? 201 HOH A O   1 
HETATM 501 O  O   . HOH M 8 .  ? 8.491   8.900   2.729   1.00 52.90  ? 202 HOH A O   1 
HETATM 502 O  O   . HOH M 8 .  ? 11.201  -0.816  -4.263  1.00 54.90  ? 203 HOH A O   1 
HETATM 503 O  O   . HOH M 8 .  ? -3.340  -11.692 2.182   1.00 61.23  ? 204 HOH A O   1 
HETATM 504 O  O   . HOH M 8 .  ? -4.449  -11.841 -5.262  1.00 60.96  ? 205 HOH A O   1 
HETATM 505 O  O   . HOH M 8 .  ? 2.577   -9.829  -3.613  1.00 59.57  ? 206 HOH A O   1 
HETATM 506 O  O   . HOH M 8 .  ? 9.951   6.637   5.979   1.00 58.28  ? 207 HOH A O   1 
HETATM 507 O  O   . HOH M 8 .  ? 7.403   1.329   -5.725  1.00 38.22  ? 208 HOH A O   1 
HETATM 508 O  O   . HOH M 8 .  ? 3.094   -3.756  -7.231  1.00 40.87  ? 209 HOH A O   1 
HETATM 509 O  O   . HOH M 8 .  ? 2.308   -10.132 -11.443 1.00 64.31  ? 210 HOH A O   1 
HETATM 510 O  O   . HOH M 8 .  ? 11.207  9.808   -1.169  1.00 43.61  ? 211 HOH A O   1 
HETATM 511 O  O   . HOH M 8 .  ? 3.708   8.865   -1.734  1.00 47.21  ? 212 HOH A O   1 
HETATM 512 O  O   . HOH M 8 .  ? -10.235 -12.423 1.844   1.00 59.73  ? 213 HOH A O   1 
HETATM 513 O  O   . HOH M 8 .  ? -16.159 -8.384  -0.778  1.00 57.79  ? 214 HOH A O   1 
HETATM 514 O  O   . HOH M 8 .  ? -10.989 2.513   3.295   1.00 67.00  ? 215 HOH A O   1 
HETATM 515 O  O   . HOH M 8 .  ? 12.258  4.597   -10.653 1.00 45.69  ? 216 HOH A O   1 
HETATM 516 O  O   . HOH M 8 .  ? -3.308  5.005   8.915   1.00 64.32  ? 217 HOH A O   1 
HETATM 517 O  O   . HOH M 8 .  ? -2.247  -4.274  -12.408 1.00 50.78  ? 218 HOH A O   1 
HETATM 518 O  O   . HOH M 8 .  ? 8.875   1.433   -8.222  1.00 66.84  ? 219 HOH A O   1 
HETATM 519 O  O   . HOH M 8 .  ? 7.074   13.296  4.328   1.00 72.93  ? 220 HOH A O   1 
HETATM 520 O  O   . HOH M 8 .  ? -13.381 -2.505  3.555   1.00 59.00  ? 221 HOH A O   1 
HETATM 521 O  O   . HOH M 8 .  ? 3.993   7.091   -7.984  1.00 51.75  ? 222 HOH A O   1 
HETATM 522 O  O   . HOH M 8 .  ? -14.364 -10.288 -0.846  1.00 71.85  ? 223 HOH A O   1 
HETATM 523 O  O   . HOH M 8 .  ? -13.493 -2.593  -9.107  1.00 74.50  ? 224 HOH A O   1 
HETATM 524 O  O   . HOH M 8 .  ? 1.653   0.184   -11.392 1.00 46.37  ? 225 HOH A O   1 
HETATM 525 O  O   . HOH M 8 .  ? -5.074  -9.449  6.576   1.00 65.22  ? 226 HOH A O   1 
HETATM 526 O  O   . HOH M 8 .  ? 3.655   10.812  -3.406  1.00 82.36  ? 227 HOH A O   1 
HETATM 527 O  O   . HOH M 8 .  ? -13.186 -0.169  -7.979  1.00 68.13  ? 228 HOH A O   1 
HETATM 528 O  O   . HOH M 8 .  ? 10.367  -2.715  -5.331  1.00 76.69  ? 229 HOH A O   1 
HETATM 529 O  O   . HOH M 8 .  ? -0.637  3.065   -8.255  1.00 68.59  ? 230 HOH A O   1 
HETATM 530 O  O   . HOH M 8 .  ? 4.267   -6.011  -7.580  1.00 64.85  ? 231 HOH A O   1 
HETATM 531 O  O   . HOH M 8 .  ? -0.341  4.286   -10.199 1.00 74.33  ? 232 HOH A O   1 
HETATM 532 O  O   . HOH M 8 .  ? 8.858   6.701   8.203   1.00 67.18  ? 233 HOH A O   1 
# 
